data_8QA7
#
_entry.id   8QA7
#
_cell.length_a   75.390
_cell.length_b   92.373
_cell.length_c   96.190
_cell.angle_alpha   90.00
_cell.angle_beta   90.00
_cell.angle_gamma   90.00
#
_symmetry.space_group_name_H-M   'P 21 21 21'
#
loop_
_entity.id
_entity.type
_entity.pdbx_description
1 polymer 'Histone deacetylase 6'
2 non-polymer 'POTASSIUM ION'
3 non-polymer 'ZINC ION'
4 non-polymer '4-(2-HYDROXYETHYL)-1-PIPERAZINE ETHANESULFONIC ACID'
5 water water
#
_entity_poly.entity_id   1
_entity_poly.type   'polypeptide(L)'
_entity_poly.pdbx_seq_one_letter_code
;APITGLVYDQRMMLHHNMWDSHHPELPQRISRIFSRHEELRLLSRCHRIPARLATEEELALCHSSKHISIIKSSEHMKPR
DLNRLGDEYNSIFISNESYTCALLAAGSCFNSAQAILTGQVRNAVAIVRPPGHHAEKDTACGFCFFNTAALTARYAQSIT
RESLRVLIVDWDVHHGNGTQHIFEEDDSVLYISLHRYEDGAFFPNSEDANYDKVGLGKGRGYNVNIPWNGGKMGDPEYMA
AFHHLVMPIAREFAPELVLVSAGFDAARGDPLGGFQVTPEGYAHLTHQLMSLAAGRVLIILEGGYNLTSISESMSMCTSM
LLGDSPPSLDHLTPLKTSATVSINNVLRAHAPFWSSLR
;
_entity_poly.pdbx_strand_id   A,B
#
loop_
_chem_comp.id
_chem_comp.type
_chem_comp.name
_chem_comp.formula
EPE non-polymer '4-(2-HYDROXYETHYL)-1-PIPERAZINE ETHANESULFONIC ACID' 'C8 H18 N2 O4 S'
K non-polymer 'POTASSIUM ION' 'K 1'
ZN non-polymer 'ZINC ION' 'Zn 2'
#
# COMPACT_ATOMS: atom_id res chain seq x y z
N PRO A 2 -12.18 26.39 -6.86
CA PRO A 2 -11.93 25.35 -7.86
C PRO A 2 -12.10 23.94 -7.29
N ILE A 3 -12.84 23.09 -8.02
CA ILE A 3 -13.17 21.72 -7.59
C ILE A 3 -12.36 20.73 -8.45
N THR A 4 -11.83 19.66 -7.82
CA THR A 4 -11.18 18.55 -8.54
C THR A 4 -12.12 17.34 -8.59
N GLY A 5 -12.32 16.80 -9.79
CA GLY A 5 -13.09 15.58 -9.98
C GLY A 5 -12.27 14.31 -9.77
N LEU A 6 -12.93 13.25 -9.32
CA LEU A 6 -12.31 11.92 -9.22
C LEU A 6 -13.30 10.87 -9.65
N VAL A 7 -12.86 9.98 -10.54
CA VAL A 7 -13.67 8.84 -10.92
C VAL A 7 -12.92 7.57 -10.57
N TYR A 8 -13.65 6.65 -9.92
CA TYR A 8 -13.19 5.33 -9.55
C TYR A 8 -14.41 4.44 -9.43
N ASP A 9 -14.36 3.25 -9.98
CA ASP A 9 -15.44 2.26 -9.84
C ASP A 9 -14.80 0.89 -9.66
N GLN A 10 -15.08 0.23 -8.53
CA GLN A 10 -14.48 -1.06 -8.22
C GLN A 10 -14.85 -2.16 -9.23
N ARG A 11 -15.93 -1.98 -9.99
CA ARG A 11 -16.24 -2.92 -11.09
C ARG A 11 -15.10 -3.11 -12.09
N MET A 12 -14.24 -2.09 -12.26
CA MET A 12 -13.07 -2.23 -13.14
C MET A 12 -12.02 -3.23 -12.63
N MET A 13 -12.14 -3.68 -11.37
CA MET A 13 -11.29 -4.77 -10.85
C MET A 13 -11.62 -6.15 -11.46
N LEU A 14 -12.80 -6.31 -12.05
CA LEU A 14 -13.25 -7.65 -12.51
C LEU A 14 -12.43 -8.24 -13.65
N HIS A 15 -11.87 -7.39 -14.51
CA HIS A 15 -10.90 -7.79 -15.55
C HIS A 15 -9.69 -8.45 -14.89
N HIS A 16 -9.45 -9.72 -15.21
CA HIS A 16 -8.38 -10.47 -14.56
C HIS A 16 -7.76 -11.52 -15.48
N ASN A 17 -6.58 -11.97 -15.06
CA ASN A 17 -5.82 -12.98 -15.77
C ASN A 17 -6.04 -14.32 -15.06
N MET A 18 -6.84 -15.18 -15.67
CA MET A 18 -7.24 -16.42 -15.02
C MET A 18 -6.14 -17.48 -14.99
N TRP A 19 -5.18 -17.40 -15.90
CA TRP A 19 -4.05 -18.36 -15.96
C TRP A 19 -2.86 -17.91 -15.12
N ASP A 20 -2.66 -16.59 -15.05
CA ASP A 20 -1.56 -16.00 -14.30
C ASP A 20 -2.12 -14.90 -13.41
N SER A 21 -2.56 -15.29 -12.22
CA SER A 21 -3.17 -14.37 -11.29
C SER A 21 -2.18 -13.34 -10.71
N HIS A 22 -0.87 -13.60 -10.86
CA HIS A 22 0.17 -12.65 -10.44
C HIS A 22 0.67 -11.73 -11.55
N HIS A 23 0.06 -11.80 -12.75
CA HIS A 23 0.37 -10.87 -13.84
C HIS A 23 0.30 -9.43 -13.32
N PRO A 24 1.30 -8.59 -13.66
CA PRO A 24 1.43 -7.25 -13.02
C PRO A 24 0.30 -6.24 -13.26
N GLU A 25 -0.49 -6.40 -14.32
CA GLU A 25 -1.67 -5.53 -14.54
C GLU A 25 -2.81 -6.06 -13.67
N LEU A 26 -2.68 -5.84 -12.36
CA LEU A 26 -3.57 -6.45 -11.36
C LEU A 26 -4.83 -5.62 -11.12
N PRO A 27 -5.94 -6.30 -10.77
CA PRO A 27 -7.13 -5.60 -10.30
C PRO A 27 -6.84 -4.55 -9.21
N GLN A 28 -5.98 -4.93 -8.26
CA GLN A 28 -5.69 -4.07 -7.12
C GLN A 28 -4.86 -2.82 -7.46
N ARG A 29 -4.40 -2.67 -8.69
CA ARG A 29 -3.79 -1.40 -9.08
C ARG A 29 -4.72 -0.21 -8.78
N ILE A 30 -5.99 -0.32 -9.18
CA ILE A 30 -6.92 0.80 -8.98
C ILE A 30 -7.42 0.91 -7.52
N SER A 31 -7.69 -0.23 -6.86
CA SER A 31 -8.15 -0.17 -5.47
C SER A 31 -7.06 0.37 -4.57
N ARG A 32 -5.79 0.07 -4.89
CA ARG A 32 -4.67 0.60 -4.10
C ARG A 32 -4.51 2.10 -4.23
N ILE A 33 -4.64 2.61 -5.46
CA ILE A 33 -4.56 4.06 -5.67
C ILE A 33 -5.73 4.75 -4.95
N PHE A 34 -6.92 4.20 -5.07
CA PHE A 34 -8.09 4.76 -4.42
C PHE A 34 -7.89 4.76 -2.90
N SER A 35 -7.43 3.62 -2.37
CA SER A 35 -7.17 3.51 -0.93
C SER A 35 -6.18 4.57 -0.43
N ARG A 36 -5.11 4.82 -1.20
CA ARG A 36 -4.11 5.80 -0.79
C ARG A 36 -4.71 7.21 -0.75
N HIS A 37 -5.61 7.50 -1.68
CA HIS A 37 -6.36 8.77 -1.66
C HIS A 37 -7.22 8.91 -0.38
N GLU A 38 -7.84 7.81 0.05
CA GLU A 38 -8.59 7.80 1.34
C GLU A 38 -7.65 8.06 2.53
N GLU A 39 -6.54 7.30 2.58
CA GLU A 39 -5.50 7.46 3.61
C GLU A 39 -4.95 8.86 3.81
N LEU A 40 -4.66 9.53 2.70
CA LEU A 40 -4.13 10.89 2.73
C LEU A 40 -5.22 11.95 2.83
N ARG A 41 -6.48 11.53 2.93
CA ARG A 41 -7.66 12.40 3.02
C ARG A 41 -7.85 13.29 1.80
N LEU A 42 -7.49 12.77 0.63
CA LEU A 42 -7.69 13.46 -0.63
C LEU A 42 -9.06 13.18 -1.23
N LEU A 43 -9.59 11.99 -1.00
CA LEU A 43 -10.86 11.59 -1.60
C LEU A 43 -12.03 12.50 -1.22
N SER A 44 -12.10 12.87 0.05
CA SER A 44 -13.17 13.76 0.54
C SER A 44 -13.05 15.19 0.00
N ARG A 45 -11.86 15.57 -0.44
CA ARG A 45 -11.63 16.88 -1.04
C ARG A 45 -12.02 16.96 -2.53
N CYS A 46 -12.29 15.82 -3.16
CA CYS A 46 -12.69 15.78 -4.56
C CYS A 46 -14.19 15.61 -4.71
N HIS A 47 -14.71 16.07 -5.85
CA HIS A 47 -16.08 15.76 -6.25
C HIS A 47 -16.06 14.43 -7.01
N ARG A 48 -16.81 13.46 -6.51
CA ARG A 48 -16.87 12.13 -7.10
C ARG A 48 -17.70 12.15 -8.38
N ILE A 49 -17.08 11.79 -9.50
CA ILE A 49 -17.74 11.71 -10.81
C ILE A 49 -18.13 10.25 -11.06
N PRO A 50 -19.38 9.98 -11.48
CA PRO A 50 -19.75 8.58 -11.66
C PRO A 50 -19.11 7.95 -12.90
N ALA A 51 -18.78 6.66 -12.82
CA ALA A 51 -18.40 5.90 -14.00
C ALA A 51 -19.66 5.59 -14.81
N ARG A 52 -19.47 5.41 -16.11
CA ARG A 52 -20.48 4.83 -16.99
C ARG A 52 -19.83 3.99 -18.06
N LEU A 53 -20.64 3.19 -18.73
CA LEU A 53 -20.19 2.44 -19.89
C LEU A 53 -20.11 3.38 -21.06
N ALA A 54 -19.02 3.29 -21.82
CA ALA A 54 -18.96 3.85 -23.14
C ALA A 54 -19.97 3.09 -24.03
N THR A 55 -20.50 3.78 -25.04
CA THR A 55 -21.36 3.16 -26.04
C THR A 55 -20.53 2.70 -27.23
N GLU A 56 -21.08 1.76 -28.00
CA GLU A 56 -20.41 1.30 -29.23
C GLU A 56 -20.19 2.44 -30.22
N GLU A 57 -21.15 3.36 -30.29
CA GLU A 57 -21.00 4.55 -31.12
C GLU A 57 -19.79 5.42 -30.69
N GLU A 58 -19.60 5.58 -29.38
CA GLU A 58 -18.46 6.32 -28.85
C GLU A 58 -17.13 5.59 -29.15
N LEU A 59 -17.12 4.27 -28.99
CA LEU A 59 -15.94 3.47 -29.36
C LEU A 59 -15.54 3.67 -30.83
N ALA A 60 -16.55 3.86 -31.70
CA ALA A 60 -16.31 4.06 -33.12
C ALA A 60 -15.67 5.38 -33.49
N LEU A 61 -15.57 6.31 -32.52
CA LEU A 61 -14.79 7.53 -32.71
C LEU A 61 -13.32 7.25 -33.06
N CYS A 62 -12.77 6.17 -32.51
CA CYS A 62 -11.38 5.77 -32.78
C CYS A 62 -11.18 4.36 -33.31
N HIS A 63 -12.14 3.44 -33.10
CA HIS A 63 -11.90 2.03 -33.41
C HIS A 63 -12.78 1.51 -34.54
N SER A 64 -12.27 0.51 -35.23
CA SER A 64 -13.01 -0.17 -36.31
C SER A 64 -14.12 -1.04 -35.75
N SER A 65 -15.18 -1.24 -36.53
CA SER A 65 -16.28 -2.11 -36.10
C SER A 65 -15.83 -3.55 -35.90
N LYS A 66 -14.90 -4.01 -36.73
CA LYS A 66 -14.31 -5.35 -36.58
C LYS A 66 -13.69 -5.51 -35.19
N HIS A 67 -12.84 -4.57 -34.81
CA HIS A 67 -12.20 -4.59 -33.49
C HIS A 67 -13.21 -4.57 -32.34
N ILE A 68 -14.17 -3.63 -32.41
CA ILE A 68 -15.21 -3.53 -31.39
C ILE A 68 -15.99 -4.86 -31.27
N SER A 69 -16.36 -5.43 -32.41
CA SER A 69 -17.16 -6.66 -32.40
CA SER A 69 -17.15 -6.66 -32.41
C SER A 69 -16.43 -7.86 -31.78
N ILE A 70 -15.14 -8.01 -32.08
CA ILE A 70 -14.34 -9.13 -31.55
C ILE A 70 -14.20 -9.00 -30.02
N ILE A 71 -13.85 -7.80 -29.55
CA ILE A 71 -13.71 -7.63 -28.11
C ILE A 71 -15.07 -7.80 -27.43
N LYS A 72 -16.12 -7.24 -28.02
CA LYS A 72 -17.48 -7.41 -27.48
C LYS A 72 -17.85 -8.89 -27.30
N SER A 73 -17.50 -9.72 -28.29
CA SER A 73 -17.82 -11.16 -28.28
C SER A 73 -17.14 -11.94 -27.13
N SER A 74 -16.00 -11.43 -26.62
CA SER A 74 -15.28 -12.08 -25.52
C SER A 74 -16.08 -12.20 -24.23
N GLU A 75 -17.08 -11.35 -24.06
CA GLU A 75 -17.96 -11.38 -22.88
C GLU A 75 -18.63 -12.73 -22.59
N HIS A 76 -18.92 -13.52 -23.64
CA HIS A 76 -19.59 -14.83 -23.49
C HIS A 76 -18.73 -16.05 -23.85
N MET A 77 -17.42 -15.86 -24.03
CA MET A 77 -16.51 -16.96 -24.37
C MET A 77 -16.17 -17.82 -23.15
N LYS A 78 -15.92 -19.10 -23.40
CA LYS A 78 -15.37 -20.02 -22.39
C LYS A 78 -13.85 -19.79 -22.25
N PRO A 79 -13.24 -20.23 -21.13
CA PRO A 79 -11.80 -20.00 -20.87
C PRO A 79 -10.82 -20.36 -21.99
N ARG A 80 -11.03 -21.50 -22.67
CA ARG A 80 -10.16 -21.93 -23.77
C ARG A 80 -10.15 -20.91 -24.93
N ASP A 81 -11.34 -20.45 -25.31
CA ASP A 81 -11.48 -19.44 -26.38
C ASP A 81 -10.92 -18.07 -25.95
N LEU A 82 -11.11 -17.71 -24.69
CA LEU A 82 -10.50 -16.50 -24.13
C LEU A 82 -8.98 -16.55 -24.18
N ASN A 83 -8.40 -17.69 -23.81
CA ASN A 83 -6.95 -17.89 -23.91
C ASN A 83 -6.47 -17.78 -25.35
N ARG A 84 -7.18 -18.45 -26.27
CA ARG A 84 -6.83 -18.44 -27.69
C ARG A 84 -6.88 -17.03 -28.28
N LEU A 85 -7.96 -16.30 -27.99
CA LEU A 85 -8.13 -14.94 -28.53
C LEU A 85 -7.05 -13.99 -28.00
N GLY A 86 -6.84 -14.02 -26.69
CA GLY A 86 -5.81 -13.20 -26.05
C GLY A 86 -4.44 -13.41 -26.67
N ASP A 87 -4.09 -14.68 -26.92
CA ASP A 87 -2.79 -15.04 -27.52
C ASP A 87 -2.59 -14.60 -28.98
N GLU A 88 -3.66 -14.21 -29.68
CA GLU A 88 -3.53 -13.61 -31.01
C GLU A 88 -2.95 -12.19 -30.99
N TYR A 89 -3.08 -11.51 -29.84
CA TYR A 89 -2.53 -10.15 -29.69
C TYR A 89 -1.18 -10.14 -29.00
N ASN A 90 -0.49 -9.01 -29.14
CA ASN A 90 0.76 -8.77 -28.45
C ASN A 90 0.45 -8.33 -27.01
N SER A 91 0.71 -9.23 -26.06
CA SER A 91 0.64 -8.93 -24.62
C SER A 91 -0.76 -8.53 -24.13
N ILE A 92 -1.69 -9.48 -24.25
CA ILE A 92 -3.08 -9.31 -23.83
C ILE A 92 -3.58 -10.57 -23.12
N PHE A 93 -4.25 -10.35 -21.98
CA PHE A 93 -5.11 -11.38 -21.37
C PHE A 93 -6.54 -10.88 -21.35
N ILE A 94 -7.48 -11.81 -21.40
CA ILE A 94 -8.92 -11.49 -21.50
C ILE A 94 -9.72 -12.41 -20.59
N SER A 95 -10.68 -11.84 -19.86
CA SER A 95 -11.70 -12.59 -19.13
C SER A 95 -13.08 -12.14 -19.62
N ASN A 96 -14.13 -12.77 -19.12
CA ASN A 96 -15.50 -12.42 -19.50
C ASN A 96 -15.87 -10.97 -19.14
N GLU A 97 -15.23 -10.42 -18.12
CA GLU A 97 -15.50 -9.04 -17.65
C GLU A 97 -14.66 -7.95 -18.34
N SER A 98 -13.71 -8.33 -19.20
CA SER A 98 -12.74 -7.38 -19.78
C SER A 98 -13.39 -6.29 -20.64
N TYR A 99 -14.28 -6.71 -21.54
CA TYR A 99 -15.01 -5.78 -22.40
C TYR A 99 -15.72 -4.69 -21.58
N THR A 100 -16.50 -5.11 -20.59
CA THR A 100 -17.24 -4.19 -19.71
C THR A 100 -16.30 -3.26 -18.96
N CYS A 101 -15.18 -3.81 -18.48
CA CYS A 101 -14.19 -2.98 -17.78
C CYS A 101 -13.58 -1.93 -18.70
N ALA A 102 -13.25 -2.31 -19.93
CA ALA A 102 -12.73 -1.35 -20.89
C ALA A 102 -13.75 -0.25 -21.23
N LEU A 103 -15.02 -0.64 -21.36
CA LEU A 103 -16.10 0.34 -21.54
C LEU A 103 -16.21 1.29 -20.38
N LEU A 104 -16.11 0.77 -19.16
CA LEU A 104 -16.18 1.60 -17.94
C LEU A 104 -15.02 2.57 -17.85
N ALA A 105 -13.82 2.11 -18.19
CA ALA A 105 -12.65 2.98 -18.20
C ALA A 105 -12.86 4.18 -19.13
N ALA A 106 -13.33 3.92 -20.34
CA ALA A 106 -13.56 4.95 -21.33
C ALA A 106 -14.69 5.89 -20.89
N GLY A 107 -15.82 5.33 -20.50
CA GLY A 107 -16.99 6.13 -20.12
C GLY A 107 -16.73 6.98 -18.88
N SER A 108 -15.91 6.46 -17.98
CA SER A 108 -15.44 7.24 -16.81
C SER A 108 -14.70 8.50 -17.23
N CYS A 109 -13.83 8.36 -18.22
CA CYS A 109 -13.06 9.49 -18.72
C CYS A 109 -13.91 10.48 -19.50
N PHE A 110 -14.92 9.98 -20.22
CA PHE A 110 -15.85 10.87 -20.94
C PHE A 110 -16.60 11.72 -19.94
N ASN A 111 -17.14 11.09 -18.89
CA ASN A 111 -17.87 11.86 -17.87
C ASN A 111 -16.95 12.92 -17.25
N SER A 112 -15.68 12.56 -17.03
CA SER A 112 -14.70 13.48 -16.45
C SER A 112 -14.40 14.66 -17.37
N ALA A 113 -14.20 14.38 -18.67
CA ALA A 113 -13.96 15.43 -19.62
C ALA A 113 -15.17 16.36 -19.76
N GLN A 114 -16.36 15.78 -19.74
CA GLN A 114 -17.63 16.56 -19.76
C GLN A 114 -17.71 17.49 -18.55
N ALA A 115 -17.37 16.97 -17.37
CA ALA A 115 -17.36 17.76 -16.13
C ALA A 115 -16.37 18.93 -16.21
N ILE A 116 -15.20 18.68 -16.80
CA ILE A 116 -14.21 19.71 -16.99
C ILE A 116 -14.66 20.77 -17.99
N LEU A 117 -15.18 20.32 -19.14
CA LEU A 117 -15.50 21.21 -20.24
C LEU A 117 -16.76 22.06 -19.96
N THR A 118 -17.67 21.55 -19.14
CA THR A 118 -18.84 22.33 -18.68
C THR A 118 -18.56 23.26 -17.49
N GLY A 119 -17.38 23.16 -16.88
CA GLY A 119 -17.01 23.97 -15.71
C GLY A 119 -17.45 23.42 -14.36
N GLN A 120 -18.02 22.23 -14.33
CA GLN A 120 -18.48 21.61 -13.07
C GLN A 120 -17.30 21.32 -12.14
N VAL A 121 -16.18 20.92 -12.75
CA VAL A 121 -14.88 20.83 -12.07
C VAL A 121 -13.83 21.58 -12.90
N ARG A 122 -12.76 21.98 -12.25
CA ARG A 122 -11.63 22.61 -12.93
C ARG A 122 -10.76 21.56 -13.60
N ASN A 123 -10.57 20.45 -12.91
CA ASN A 123 -9.67 19.37 -13.37
C ASN A 123 -10.12 18.04 -12.76
N ALA A 124 -9.47 16.93 -13.10
CA ALA A 124 -9.95 15.64 -12.65
C ALA A 124 -8.90 14.55 -12.80
N VAL A 125 -9.12 13.50 -12.01
CA VAL A 125 -8.30 12.28 -12.07
CA VAL A 125 -8.29 12.29 -12.04
C VAL A 125 -9.18 11.08 -12.31
N ALA A 126 -8.71 10.15 -13.13
CA ALA A 126 -9.47 8.97 -13.47
C ALA A 126 -8.66 7.73 -13.14
N ILE A 127 -9.13 7.00 -12.11
CA ILE A 127 -8.44 5.82 -11.58
C ILE A 127 -9.09 4.63 -12.28
N VAL A 128 -8.57 4.31 -13.46
CA VAL A 128 -9.20 3.35 -14.36
C VAL A 128 -8.26 2.25 -14.81
N ARG A 129 -8.85 1.11 -15.15
CA ARG A 129 -8.17 0.01 -15.84
C ARG A 129 -9.24 -0.79 -16.61
N PRO A 130 -8.88 -1.59 -17.61
CA PRO A 130 -7.52 -1.70 -18.18
C PRO A 130 -7.05 -0.39 -18.82
N PRO A 131 -5.72 -0.28 -19.04
CA PRO A 131 -5.15 0.90 -19.70
C PRO A 131 -5.52 1.00 -21.19
N GLY A 132 -5.14 2.10 -21.84
CA GLY A 132 -5.53 2.41 -23.21
C GLY A 132 -4.50 2.69 -24.30
N HIS A 133 -3.35 3.26 -23.95
CA HIS A 133 -2.53 3.97 -24.94
C HIS A 133 -1.87 3.08 -26.02
N HIS A 134 -1.74 1.79 -25.76
CA HIS A 134 -1.23 0.86 -26.76
C HIS A 134 -2.33 0.38 -27.73
N ALA A 135 -3.61 0.61 -27.41
CA ALA A 135 -4.70 0.14 -28.29
C ALA A 135 -4.72 0.94 -29.58
N GLU A 136 -4.78 0.22 -30.69
CA GLU A 136 -4.82 0.79 -32.02
C GLU A 136 -6.27 0.83 -32.51
N LYS A 137 -6.48 1.51 -33.62
CA LYS A 137 -7.81 1.55 -34.24
C LYS A 137 -8.38 0.13 -34.41
N ASP A 138 -7.55 -0.80 -34.92
CA ASP A 138 -8.02 -2.13 -35.31
C ASP A 138 -7.51 -3.30 -34.43
N THR A 139 -6.78 -3.02 -33.35
CA THR A 139 -6.28 -4.11 -32.52
C THR A 139 -5.99 -3.73 -31.06
N ALA A 140 -6.06 -4.73 -30.19
CA ALA A 140 -5.65 -4.63 -28.79
C ALA A 140 -4.16 -4.90 -28.68
N CYS A 141 -3.51 -4.32 -27.67
CA CYS A 141 -2.07 -4.50 -27.51
C CYS A 141 -1.66 -4.06 -26.11
N GLY A 142 -0.67 -4.74 -25.54
CA GLY A 142 0.02 -4.23 -24.35
C GLY A 142 -0.91 -3.91 -23.20
N PHE A 143 -1.79 -4.86 -22.91
CA PHE A 143 -2.78 -4.79 -21.80
C PHE A 143 -3.97 -3.83 -22.07
N CYS A 144 -4.03 -3.26 -23.28
CA CYS A 144 -5.02 -2.23 -23.66
C CYS A 144 -5.96 -2.76 -24.72
N PHE A 145 -7.26 -2.49 -24.55
CA PHE A 145 -8.28 -2.91 -25.52
C PHE A 145 -8.77 -1.76 -26.39
N PHE A 146 -9.14 -0.65 -25.75
CA PHE A 146 -9.60 0.54 -26.43
C PHE A 146 -8.79 1.72 -25.90
N ASN A 147 -8.58 2.71 -26.75
CA ASN A 147 -7.64 3.78 -26.45
C ASN A 147 -8.40 4.88 -25.73
N THR A 148 -8.50 4.70 -24.43
CA THR A 148 -9.24 5.59 -23.54
C THR A 148 -8.92 7.07 -23.74
N ALA A 149 -7.63 7.43 -23.76
CA ALA A 149 -7.22 8.82 -23.92
C ALA A 149 -7.59 9.38 -25.31
N ALA A 150 -7.35 8.59 -26.36
CA ALA A 150 -7.71 8.99 -27.72
C ALA A 150 -9.23 9.19 -27.86
N LEU A 151 -9.98 8.23 -27.33
CA LEU A 151 -11.45 8.31 -27.32
C LEU A 151 -11.92 9.55 -26.58
N THR A 152 -11.25 9.86 -25.47
CA THR A 152 -11.64 11.03 -24.67
C THR A 152 -11.43 12.33 -25.42
N ALA A 153 -10.31 12.45 -26.16
CA ALA A 153 -10.06 13.63 -26.99
C ALA A 153 -11.17 13.80 -28.04
N ARG A 154 -11.55 12.72 -28.71
CA ARG A 154 -12.64 12.78 -29.72
C ARG A 154 -14.01 13.02 -29.08
N TYR A 155 -14.23 12.41 -27.92
CA TYR A 155 -15.47 12.67 -27.17
C TYR A 155 -15.57 14.16 -26.81
N ALA A 156 -14.47 14.74 -26.34
CA ALA A 156 -14.41 16.15 -25.98
C ALA A 156 -14.74 17.05 -27.18
N GLN A 157 -14.17 16.72 -28.34
CA GLN A 157 -14.43 17.47 -29.57
C GLN A 157 -15.91 17.35 -29.97
N SER A 158 -16.51 16.19 -29.71
CA SER A 158 -17.91 15.93 -30.07
C SER A 158 -18.92 16.76 -29.27
N ILE A 159 -18.55 17.15 -28.05
CA ILE A 159 -19.45 17.96 -27.19
C ILE A 159 -19.06 19.45 -27.12
N THR A 160 -18.04 19.85 -27.88
CA THR A 160 -17.63 21.24 -28.00
C THR A 160 -17.62 21.63 -29.46
N ARG A 161 -16.47 21.50 -30.11
CA ARG A 161 -16.38 21.73 -31.54
C ARG A 161 -15.29 20.82 -32.07
N GLU A 162 -15.41 20.46 -33.34
CA GLU A 162 -14.53 19.45 -33.94
C GLU A 162 -13.05 19.80 -33.82
N SER A 163 -12.72 21.08 -33.92
CA SER A 163 -11.34 21.54 -33.90
C SER A 163 -10.83 21.96 -32.49
N LEU A 164 -11.53 21.60 -31.43
CA LEU A 164 -11.04 21.84 -30.05
C LEU A 164 -9.61 21.30 -29.93
N ARG A 165 -8.70 22.12 -29.43
CA ARG A 165 -7.29 21.77 -29.38
C ARG A 165 -7.05 20.96 -28.10
N VAL A 166 -6.68 19.71 -28.26
CA VAL A 166 -6.45 18.81 -27.14
C VAL A 166 -4.99 18.42 -27.16
N LEU A 167 -4.31 18.64 -26.03
CA LEU A 167 -2.95 18.15 -25.82
C LEU A 167 -3.05 16.83 -25.07
N ILE A 168 -2.40 15.79 -25.58
CA ILE A 168 -2.19 14.55 -24.85
C ILE A 168 -0.71 14.47 -24.48
N VAL A 169 -0.41 14.49 -23.18
CA VAL A 169 0.95 14.24 -22.70
C VAL A 169 0.96 12.83 -22.12
N ASP A 170 1.85 11.98 -22.63
CA ASP A 170 1.89 10.60 -22.26
C ASP A 170 3.23 10.37 -21.56
N TRP A 171 3.20 10.30 -20.23
CA TRP A 171 4.42 10.07 -19.43
C TRP A 171 4.60 8.65 -18.89
N ASP A 172 3.72 7.74 -19.30
CA ASP A 172 3.94 6.30 -19.11
C ASP A 172 5.31 6.02 -19.73
N VAL A 173 6.05 5.09 -19.14
CA VAL A 173 7.40 4.79 -19.61
C VAL A 173 7.43 4.19 -21.01
N HIS A 174 6.30 3.62 -21.45
CA HIS A 174 6.19 3.05 -22.81
C HIS A 174 5.59 4.04 -23.81
N HIS A 175 6.04 3.94 -25.06
CA HIS A 175 5.46 4.76 -26.12
C HIS A 175 3.98 4.43 -26.29
N GLY A 176 3.13 5.45 -26.43
CA GLY A 176 1.72 5.18 -26.73
C GLY A 176 1.54 5.02 -28.24
N ASN A 177 1.91 3.85 -28.75
CA ASN A 177 1.86 3.56 -30.20
C ASN A 177 0.47 3.85 -30.78
N GLY A 178 -0.56 3.45 -30.06
CA GLY A 178 -1.93 3.57 -30.50
C GLY A 178 -2.37 5.02 -30.62
N THR A 179 -2.03 5.81 -29.60
CA THR A 179 -2.37 7.21 -29.61
C THR A 179 -1.69 7.95 -30.76
N GLN A 180 -0.40 7.68 -30.94
CA GLN A 180 0.34 8.31 -32.05
C GLN A 180 -0.35 8.03 -33.38
N HIS A 181 -0.66 6.75 -33.62
CA HIS A 181 -1.24 6.36 -34.92
C HIS A 181 -2.63 6.93 -35.16
N ILE A 182 -3.46 6.95 -34.11
CA ILE A 182 -4.82 7.48 -34.19
C ILE A 182 -4.81 8.95 -34.63
N PHE A 183 -3.88 9.74 -34.08
CA PHE A 183 -3.85 11.16 -34.38
C PHE A 183 -2.73 11.59 -35.34
N GLU A 184 -2.07 10.63 -35.99
CA GLU A 184 -0.85 10.96 -36.73
C GLU A 184 -1.04 12.01 -37.84
N GLU A 185 -2.23 12.03 -38.45
CA GLU A 185 -2.56 13.01 -39.50
C GLU A 185 -3.41 14.19 -39.03
N ASP A 186 -3.46 14.40 -37.72
CA ASP A 186 -4.36 15.34 -37.11
C ASP A 186 -3.59 16.48 -36.46
N ASP A 187 -4.00 17.72 -36.73
CA ASP A 187 -3.43 18.90 -36.07
C ASP A 187 -4.28 19.45 -34.90
N SER A 188 -5.45 18.85 -34.65
CA SER A 188 -6.32 19.27 -33.55
C SER A 188 -5.92 18.60 -32.23
N VAL A 189 -5.17 17.51 -32.31
CA VAL A 189 -4.69 16.78 -31.13
C VAL A 189 -3.16 16.70 -31.17
N LEU A 190 -2.50 17.43 -30.28
CA LEU A 190 -1.04 17.36 -30.13
C LEU A 190 -0.69 16.21 -29.20
N TYR A 191 0.16 15.30 -29.67
CA TYR A 191 0.58 14.12 -28.90
C TYR A 191 2.05 14.29 -28.55
N ILE A 192 2.33 14.29 -27.25
CA ILE A 192 3.70 14.39 -26.76
C ILE A 192 3.92 13.19 -25.84
N SER A 193 4.89 12.36 -26.20
CA SER A 193 5.22 11.14 -25.41
C SER A 193 6.68 11.21 -24.96
N LEU A 194 6.92 10.92 -23.69
CA LEU A 194 8.25 10.66 -23.17
C LEU A 194 8.29 9.19 -22.88
N HIS A 195 9.33 8.49 -23.33
CA HIS A 195 9.36 7.03 -23.17
C HIS A 195 10.76 6.46 -23.24
N ARG A 196 10.94 5.36 -22.53
CA ARG A 196 12.14 4.54 -22.69
C ARG A 196 12.09 3.87 -24.07
N TYR A 197 13.15 4.07 -24.85
CA TYR A 197 13.20 3.65 -26.24
C TYR A 197 14.28 2.57 -26.49
N GLU A 198 15.50 2.86 -26.07
CA GLU A 198 16.65 1.95 -26.21
C GLU A 198 16.86 1.51 -27.66
N ASP A 199 16.88 2.50 -28.55
CA ASP A 199 17.00 2.27 -30.01
C ASP A 199 16.00 1.26 -30.56
N GLY A 200 14.77 1.26 -30.02
CA GLY A 200 13.73 0.35 -30.47
C GLY A 200 13.66 -0.99 -29.76
N ALA A 201 14.50 -1.22 -28.75
CA ALA A 201 14.55 -2.49 -28.03
C ALA A 201 13.53 -2.62 -26.89
N PHE A 202 12.93 -1.51 -26.49
CA PHE A 202 12.01 -1.51 -25.34
C PHE A 202 10.57 -1.57 -25.84
N PHE A 203 9.71 -2.32 -25.14
CA PHE A 203 8.29 -2.47 -25.53
C PHE A 203 7.69 -1.07 -25.82
N PRO A 204 6.95 -0.85 -26.92
CA PRO A 204 6.43 -1.87 -27.83
C PRO A 204 7.31 -2.19 -29.05
N ASN A 205 8.60 -1.90 -28.96
CA ASN A 205 9.62 -2.48 -29.86
C ASN A 205 9.56 -1.98 -31.30
N SER A 206 9.16 -0.72 -31.47
CA SER A 206 8.97 -0.14 -32.80
C SER A 206 9.72 1.16 -32.94
N GLU A 207 10.36 1.36 -34.10
CA GLU A 207 10.98 2.63 -34.43
C GLU A 207 9.99 3.78 -34.68
N ASP A 208 8.68 3.50 -34.72
CA ASP A 208 7.64 4.54 -34.67
C ASP A 208 7.79 5.49 -33.46
N ALA A 209 8.39 4.99 -32.38
CA ALA A 209 8.65 5.79 -31.16
C ALA A 209 9.83 6.76 -31.22
N ASN A 210 10.60 6.77 -32.32
CA ASN A 210 11.78 7.63 -32.37
C ASN A 210 11.43 9.09 -32.61
N TYR A 211 12.39 9.97 -32.32
CA TYR A 211 12.20 11.42 -32.38
C TYR A 211 11.88 11.99 -33.78
N ASP A 212 12.26 11.24 -34.81
CA ASP A 212 12.06 11.71 -36.19
C ASP A 212 10.63 11.52 -36.69
N LYS A 213 9.78 10.83 -35.94
CA LYS A 213 8.37 10.68 -36.32
C LYS A 213 7.61 11.90 -35.79
N VAL A 214 7.33 12.85 -36.67
CA VAL A 214 6.79 14.15 -36.30
C VAL A 214 5.33 14.34 -36.71
N GLY A 215 4.71 13.32 -37.29
CA GLY A 215 3.34 13.40 -37.78
C GLY A 215 3.34 13.44 -39.29
N LEU A 216 2.16 13.23 -39.86
CA LEU A 216 1.98 13.13 -41.33
C LEU A 216 0.91 14.09 -41.80
N GLY A 217 1.04 14.54 -43.05
CA GLY A 217 0.02 15.41 -43.64
C GLY A 217 -0.17 16.70 -42.85
N LYS A 218 -1.40 17.05 -42.54
CA LYS A 218 -1.65 18.28 -41.77
C LYS A 218 -1.20 18.11 -40.31
N GLY A 219 -0.99 16.86 -39.89
CA GLY A 219 -0.44 16.55 -38.59
C GLY A 219 1.08 16.70 -38.47
N ARG A 220 1.78 17.15 -39.51
CA ARG A 220 3.23 17.37 -39.40
C ARG A 220 3.59 18.42 -38.37
N GLY A 221 4.44 18.02 -37.41
CA GLY A 221 4.79 18.85 -36.26
C GLY A 221 3.98 18.59 -35.01
N TYR A 222 2.88 17.84 -35.12
CA TYR A 222 1.94 17.65 -34.00
C TYR A 222 2.09 16.28 -33.31
N ASN A 223 3.17 15.55 -33.60
CA ASN A 223 3.54 14.32 -32.89
C ASN A 223 4.97 14.50 -32.37
N VAL A 224 5.14 14.53 -31.05
CA VAL A 224 6.43 14.80 -30.44
C VAL A 224 6.83 13.60 -29.59
N ASN A 225 7.81 12.86 -30.08
CA ASN A 225 8.38 11.72 -29.35
C ASN A 225 9.68 12.14 -28.69
N ILE A 226 9.77 11.89 -27.37
CA ILE A 226 10.99 12.17 -26.58
C ILE A 226 11.50 10.79 -26.10
N PRO A 227 12.41 10.17 -26.88
CA PRO A 227 12.87 8.83 -26.59
C PRO A 227 14.15 8.80 -25.75
N TRP A 228 14.15 7.99 -24.69
CA TRP A 228 15.30 7.86 -23.82
C TRP A 228 16.08 6.61 -24.17
N ASN A 229 17.41 6.76 -24.21
CA ASN A 229 18.32 5.66 -24.50
C ASN A 229 19.41 5.63 -23.44
N GLY A 230 19.83 4.42 -23.07
CA GLY A 230 21.01 4.17 -22.25
C GLY A 230 21.13 5.06 -21.02
N GLY A 231 20.21 4.88 -20.09
CA GLY A 231 20.25 5.63 -18.84
C GLY A 231 19.04 5.33 -17.95
N LYS A 232 19.29 5.34 -16.65
CA LYS A 232 18.25 5.19 -15.64
C LYS A 232 17.69 6.59 -15.38
N MET A 233 16.74 6.99 -16.20
CA MET A 233 16.29 8.38 -16.22
C MET A 233 15.39 8.59 -15.01
N GLY A 234 15.40 9.83 -14.52
CA GLY A 234 14.60 10.20 -13.36
C GLY A 234 14.20 11.65 -13.40
N ASP A 235 14.01 12.23 -12.22
CA ASP A 235 13.47 13.61 -12.12
C ASP A 235 14.27 14.65 -12.93
N PRO A 236 15.62 14.59 -12.89
CA PRO A 236 16.36 15.64 -13.63
C PRO A 236 16.06 15.64 -15.13
N GLU A 237 16.00 14.46 -15.71
CA GLU A 237 15.82 14.32 -17.16
C GLU A 237 14.41 14.71 -17.56
N TYR A 238 13.42 14.30 -16.76
CA TYR A 238 12.02 14.66 -17.03
C TYR A 238 11.76 16.16 -16.86
N MET A 239 12.37 16.78 -15.84
CA MET A 239 12.21 18.21 -15.62
C MET A 239 12.84 18.99 -16.78
N ALA A 240 14.01 18.53 -17.25
CA ALA A 240 14.67 19.14 -18.41
C ALA A 240 13.84 19.01 -19.69
N ALA A 241 13.32 17.81 -19.94
CA ALA A 241 12.42 17.58 -21.09
C ALA A 241 11.19 18.51 -21.04
N PHE A 242 10.58 18.66 -19.86
CA PHE A 242 9.45 19.59 -19.72
C PHE A 242 9.85 21.05 -19.98
N HIS A 243 11.03 21.44 -19.47
CA HIS A 243 11.50 22.82 -19.59
C HIS A 243 11.83 23.18 -21.04
N HIS A 244 12.57 22.30 -21.71
CA HIS A 244 13.09 22.57 -23.07
C HIS A 244 12.08 22.26 -24.17
N LEU A 245 11.25 21.23 -23.96
CA LEU A 245 10.38 20.70 -25.03
C LEU A 245 8.89 20.77 -24.73
N VAL A 246 8.44 20.09 -23.67
CA VAL A 246 6.99 19.88 -23.47
C VAL A 246 6.27 21.20 -23.27
N MET A 247 6.79 22.04 -22.37
CA MET A 247 6.06 23.26 -22.01
C MET A 247 6.09 24.34 -23.12
N PRO A 248 7.25 24.60 -23.74
CA PRO A 248 7.28 25.57 -24.86
C PRO A 248 6.38 25.19 -26.04
N ILE A 249 6.39 23.91 -26.44
CA ILE A 249 5.52 23.41 -27.51
C ILE A 249 4.06 23.50 -27.09
N ALA A 250 3.75 23.04 -25.87
CA ALA A 250 2.39 23.11 -25.37
C ALA A 250 1.84 24.55 -25.32
N ARG A 251 2.64 25.49 -24.82
CA ARG A 251 2.18 26.87 -24.74
C ARG A 251 1.88 27.47 -26.12
N GLU A 252 2.70 27.12 -27.10
CA GLU A 252 2.51 27.61 -28.48
C GLU A 252 1.26 26.98 -29.13
N PHE A 253 1.04 25.70 -28.88
CA PHE A 253 -0.18 25.01 -29.32
C PHE A 253 -1.45 25.60 -28.68
N ALA A 254 -1.34 26.04 -27.42
CA ALA A 254 -2.45 26.65 -26.67
C ALA A 254 -3.65 25.72 -26.59
N PRO A 255 -3.48 24.58 -25.89
CA PRO A 255 -4.57 23.64 -25.80
C PRO A 255 -5.77 24.20 -25.03
N GLU A 256 -6.95 23.70 -25.37
CA GLU A 256 -8.16 24.02 -24.62
C GLU A 256 -8.51 22.92 -23.60
N LEU A 257 -7.83 21.76 -23.72
CA LEU A 257 -7.98 20.65 -22.81
C LEU A 257 -6.64 19.88 -22.80
N VAL A 258 -6.18 19.47 -21.61
CA VAL A 258 -4.99 18.63 -21.50
C VAL A 258 -5.41 17.27 -20.94
N LEU A 259 -5.02 16.20 -21.62
CA LEU A 259 -5.22 14.86 -21.12
C LEU A 259 -3.84 14.31 -20.85
N VAL A 260 -3.69 13.67 -19.71
CA VAL A 260 -2.42 13.05 -19.36
C VAL A 260 -2.64 11.55 -19.40
N SER A 261 -1.90 10.90 -20.28
CA SER A 261 -1.80 9.45 -20.27
C SER A 261 -0.77 9.13 -19.19
N ALA A 262 -1.29 9.00 -17.99
CA ALA A 262 -0.46 9.01 -16.78
C ALA A 262 -0.15 7.59 -16.33
N GLY A 263 0.82 6.97 -17.00
CA GLY A 263 1.37 5.74 -16.47
C GLY A 263 2.35 6.11 -15.40
N PHE A 264 2.51 5.23 -14.39
CA PHE A 264 3.48 5.44 -13.33
C PHE A 264 4.51 4.32 -13.32
N ASP A 265 4.85 3.84 -14.52
CA ASP A 265 5.85 2.79 -14.68
C ASP A 265 7.26 3.34 -14.93
N ALA A 266 7.43 4.67 -15.05
CA ALA A 266 8.74 5.32 -14.94
C ALA A 266 9.14 5.57 -13.48
N ALA A 267 8.29 5.17 -12.54
CA ALA A 267 8.49 5.45 -11.14
C ALA A 267 9.60 4.60 -10.54
N ARG A 268 10.35 5.19 -9.62
CA ARG A 268 11.25 4.44 -8.73
C ARG A 268 10.48 3.24 -8.15
N GLY A 269 11.04 2.05 -8.33
CA GLY A 269 10.44 0.81 -7.82
C GLY A 269 9.63 0.00 -8.81
N ASP A 270 9.33 0.55 -9.99
CA ASP A 270 8.56 -0.22 -10.97
C ASP A 270 9.31 -1.50 -11.37
N PRO A 271 8.61 -2.63 -11.45
CA PRO A 271 9.32 -3.88 -11.82
C PRO A 271 9.69 -3.98 -13.31
N LEU A 272 9.04 -3.21 -14.18
CA LEU A 272 9.30 -3.23 -15.62
C LEU A 272 10.06 -2.03 -16.16
N GLY A 273 9.77 -0.83 -15.64
CA GLY A 273 10.26 0.41 -16.28
C GLY A 273 11.75 0.68 -16.20
N GLY A 274 12.37 0.34 -15.06
CA GLY A 274 13.78 0.55 -14.86
C GLY A 274 14.21 2.00 -14.65
N PHE A 275 13.25 2.89 -14.37
CA PHE A 275 13.52 4.32 -14.20
C PHE A 275 13.32 4.74 -12.73
N GLN A 276 13.54 6.00 -12.41
CA GLN A 276 13.49 6.46 -11.02
C GLN A 276 12.85 7.82 -10.83
N VAL A 277 11.77 8.07 -11.57
CA VAL A 277 10.96 9.26 -11.34
C VAL A 277 10.30 9.10 -9.96
N THR A 278 10.35 10.15 -9.16
CA THR A 278 9.84 10.11 -7.79
C THR A 278 8.41 10.67 -7.74
N PRO A 279 7.67 10.40 -6.65
CA PRO A 279 6.36 11.02 -6.52
C PRO A 279 6.41 12.54 -6.61
N GLU A 280 7.47 13.12 -6.06
CA GLU A 280 7.64 14.58 -6.10
C GLU A 280 7.85 15.03 -7.53
N GLY A 281 8.59 14.23 -8.30
CA GLY A 281 8.74 14.43 -9.75
C GLY A 281 7.42 14.52 -10.48
N TYR A 282 6.56 13.52 -10.27
CA TYR A 282 5.25 13.52 -10.92
C TYR A 282 4.39 14.71 -10.48
N ALA A 283 4.52 15.12 -9.21
CA ALA A 283 3.84 16.31 -8.72
C ALA A 283 4.26 17.55 -9.50
N HIS A 284 5.56 17.71 -9.70
CA HIS A 284 6.07 18.86 -10.47
C HIS A 284 5.62 18.83 -11.93
N LEU A 285 5.55 17.65 -12.54
CA LEU A 285 5.07 17.55 -13.92
C LEU A 285 3.60 17.97 -13.99
N THR A 286 2.80 17.46 -13.06
CA THR A 286 1.39 17.83 -12.98
C THR A 286 1.23 19.34 -12.79
N HIS A 287 1.97 19.88 -11.82
CA HIS A 287 1.86 21.31 -11.53
C HIS A 287 2.16 22.18 -12.76
N GLN A 288 3.19 21.80 -13.51
CA GLN A 288 3.51 22.49 -14.76
C GLN A 288 2.38 22.43 -15.80
N LEU A 289 1.80 21.25 -16.01
CA LEU A 289 0.67 21.10 -16.93
C LEU A 289 -0.57 21.92 -16.53
N MET A 290 -0.76 22.18 -15.23
CA MET A 290 -1.88 22.99 -14.74
C MET A 290 -1.84 24.46 -15.17
N SER A 291 -0.68 24.93 -15.61
CA SER A 291 -0.55 26.27 -16.21
C SER A 291 -1.09 26.37 -17.64
N LEU A 292 -1.48 25.25 -18.24
CA LEU A 292 -2.05 25.20 -19.57
C LEU A 292 -3.56 25.10 -19.55
N ALA A 293 -4.19 25.55 -20.64
CA ALA A 293 -5.63 25.36 -20.88
C ALA A 293 -6.56 25.85 -19.75
N ALA A 294 -6.16 26.94 -19.10
CA ALA A 294 -6.87 27.48 -17.95
C ALA A 294 -7.07 26.42 -16.84
N GLY A 295 -6.10 25.54 -16.69
CA GLY A 295 -6.13 24.46 -15.70
C GLY A 295 -6.98 23.25 -16.03
N ARG A 296 -7.50 23.16 -17.25
CA ARG A 296 -8.39 22.06 -17.65
C ARG A 296 -7.56 20.82 -17.98
N VAL A 297 -7.27 20.04 -16.93
CA VAL A 297 -6.37 18.87 -16.99
C VAL A 297 -7.10 17.63 -16.47
N LEU A 298 -7.07 16.55 -17.25
CA LEU A 298 -7.61 15.27 -16.84
C LEU A 298 -6.44 14.27 -16.83
N ILE A 299 -6.21 13.66 -15.67
CA ILE A 299 -5.13 12.67 -15.48
C ILE A 299 -5.74 11.27 -15.55
N ILE A 300 -5.32 10.49 -16.54
CA ILE A 300 -5.87 9.18 -16.80
C ILE A 300 -4.82 8.12 -16.52
N LEU A 301 -5.12 7.19 -15.62
CA LEU A 301 -4.19 6.11 -15.31
C LEU A 301 -3.94 5.24 -16.55
N GLU A 302 -2.66 5.00 -16.83
CA GLU A 302 -2.24 4.06 -17.86
C GLU A 302 -1.55 2.88 -17.14
N GLY A 303 -0.24 2.71 -17.33
CA GLY A 303 0.50 1.65 -16.68
C GLY A 303 1.07 2.03 -15.33
N GLY A 304 2.03 1.25 -14.84
CA GLY A 304 2.58 1.42 -13.50
C GLY A 304 2.22 0.20 -12.67
N TYR A 305 3.22 -0.54 -12.18
CA TYR A 305 3.02 -1.87 -11.63
C TYR A 305 3.52 -2.10 -10.20
N ASN A 306 4.25 -1.14 -9.62
CA ASN A 306 4.58 -1.23 -8.20
C ASN A 306 3.42 -0.55 -7.46
N LEU A 307 2.65 -1.35 -6.74
CA LEU A 307 1.40 -0.86 -6.13
C LEU A 307 1.65 0.30 -5.16
N THR A 308 2.71 0.24 -4.36
CA THR A 308 3.08 1.35 -3.47
C THR A 308 3.50 2.59 -4.27
N SER A 309 4.34 2.39 -5.29
CA SER A 309 4.84 3.49 -6.11
CA SER A 309 4.84 3.49 -6.09
C SER A 309 3.73 4.22 -6.86
N ILE A 310 2.84 3.47 -7.50
CA ILE A 310 1.74 4.10 -8.29
C ILE A 310 0.73 4.82 -7.37
N SER A 311 0.48 4.21 -6.21
CA SER A 311 -0.42 4.80 -5.22
C SER A 311 0.09 6.14 -4.71
N GLU A 312 1.36 6.18 -4.34
CA GLU A 312 1.96 7.43 -3.86
C GLU A 312 2.07 8.45 -5.00
N SER A 313 2.49 7.98 -6.19
CA SER A 313 2.68 8.89 -7.32
C SER A 313 1.38 9.53 -7.82
N MET A 314 0.33 8.72 -8.03
CA MET A 314 -0.93 9.28 -8.51
C MET A 314 -1.59 10.16 -7.45
N SER A 315 -1.50 9.78 -6.18
CA SER A 315 -2.03 10.62 -5.10
CA SER A 315 -2.05 10.61 -5.10
C SER A 315 -1.37 11.98 -5.05
N MET A 316 -0.07 12.02 -5.30
CA MET A 316 0.62 13.30 -5.38
C MET A 316 0.15 14.18 -6.53
N CYS A 317 -0.17 13.58 -7.67
CA CYS A 317 -0.74 14.33 -8.78
C CYS A 317 -2.08 14.95 -8.38
N THR A 318 -2.93 14.18 -7.71
CA THR A 318 -4.24 14.66 -7.26
C THR A 318 -4.06 15.82 -6.29
N SER A 319 -3.11 15.67 -5.38
CA SER A 319 -2.76 16.75 -4.44
C SER A 319 -2.43 18.04 -5.19
N MET A 320 -1.67 17.95 -6.28
CA MET A 320 -1.39 19.13 -7.11
C MET A 320 -2.65 19.70 -7.74
N LEU A 321 -3.48 18.85 -8.34
CA LEU A 321 -4.75 19.32 -8.93
C LEU A 321 -5.64 20.04 -7.93
N LEU A 322 -5.62 19.57 -6.68
CA LEU A 322 -6.36 20.21 -5.56
C LEU A 322 -5.77 21.54 -5.10
N GLY A 323 -4.61 21.92 -5.62
CA GLY A 323 -4.03 23.23 -5.35
C GLY A 323 -3.00 23.23 -4.23
N ASP A 324 -2.58 22.05 -3.78
CA ASP A 324 -1.56 21.97 -2.73
C ASP A 324 -0.22 22.34 -3.31
N SER A 325 0.67 22.78 -2.42
CA SER A 325 1.97 23.30 -2.84
C SER A 325 2.85 22.15 -3.30
N PRO A 326 3.60 22.36 -4.41
CA PRO A 326 4.51 21.30 -4.87
C PRO A 326 5.52 20.87 -3.79
N PRO A 327 5.71 19.55 -3.60
CA PRO A 327 6.76 19.11 -2.69
C PRO A 327 8.12 19.43 -3.30
N SER A 328 9.14 19.47 -2.46
CA SER A 328 10.49 19.82 -2.91
C SER A 328 11.14 18.65 -3.60
N LEU A 329 11.74 18.88 -4.75
CA LEU A 329 12.51 17.86 -5.42
C LEU A 329 13.85 17.71 -4.70
N ASP A 330 14.43 16.53 -4.84
CA ASP A 330 15.80 16.29 -4.42
C ASP A 330 16.70 17.16 -5.31
N HIS A 331 17.89 17.48 -4.84
CA HIS A 331 18.85 18.24 -5.64
C HIS A 331 19.00 17.57 -7.01
N LEU A 332 18.72 18.33 -8.07
CA LEU A 332 18.75 17.78 -9.43
C LEU A 332 20.19 17.71 -9.94
N THR A 333 20.72 16.48 -10.04
CA THR A 333 22.06 16.23 -10.55
C THR A 333 22.13 16.53 -12.05
N PRO A 334 23.35 16.72 -12.59
CA PRO A 334 23.44 16.91 -14.05
C PRO A 334 22.81 15.76 -14.82
N LEU A 335 22.30 16.06 -16.01
CA LEU A 335 21.61 15.07 -16.81
C LEU A 335 22.56 13.98 -17.25
N LYS A 336 22.02 12.77 -17.36
CA LYS A 336 22.71 11.66 -18.01
C LYS A 336 23.02 12.14 -19.42
N THR A 337 24.20 11.82 -19.93
CA THR A 337 24.67 12.40 -21.21
C THR A 337 23.72 12.09 -22.37
N SER A 338 23.23 10.86 -22.44
CA SER A 338 22.30 10.46 -23.50
C SER A 338 20.95 11.20 -23.45
N ALA A 339 20.54 11.67 -22.28
CA ALA A 339 19.31 12.48 -22.13
C ALA A 339 19.43 13.83 -22.80
N THR A 340 20.58 14.48 -22.62
CA THR A 340 20.92 15.70 -23.37
C THR A 340 20.88 15.46 -24.88
N VAL A 341 21.45 14.34 -25.32
CA VAL A 341 21.43 13.94 -26.74
C VAL A 341 19.99 13.76 -27.24
N SER A 342 19.16 13.06 -26.45
CA SER A 342 17.76 12.89 -26.81
C SER A 342 17.02 14.21 -26.94
N ILE A 343 17.16 15.10 -25.96
CA ILE A 343 16.49 16.41 -25.99
C ILE A 343 16.91 17.24 -27.21
N ASN A 344 18.21 17.28 -27.49
CA ASN A 344 18.75 18.00 -28.67
C ASN A 344 18.24 17.43 -29.99
N ASN A 345 18.16 16.11 -30.10
CA ASN A 345 17.56 15.45 -31.26
C ASN A 345 16.10 15.85 -31.50
N VAL A 346 15.30 15.89 -30.43
CA VAL A 346 13.90 16.32 -30.55
C VAL A 346 13.82 17.80 -30.94
N LEU A 347 14.65 18.64 -30.30
CA LEU A 347 14.74 20.07 -30.65
C LEU A 347 15.02 20.29 -32.14
N ARG A 348 15.93 19.51 -32.69
CA ARG A 348 16.29 19.60 -34.12
C ARG A 348 15.14 19.15 -35.01
N ALA A 349 14.49 18.05 -34.63
CA ALA A 349 13.35 17.52 -35.36
C ALA A 349 12.12 18.46 -35.35
N HIS A 350 11.94 19.21 -34.27
CA HIS A 350 10.72 20.03 -34.08
C HIS A 350 10.87 21.54 -34.24
N ALA A 351 12.12 22.02 -34.29
CA ALA A 351 12.43 23.42 -34.62
C ALA A 351 11.74 23.95 -35.90
N PRO A 352 11.65 23.13 -36.96
CA PRO A 352 10.91 23.59 -38.16
C PRO A 352 9.44 23.96 -37.92
N PHE A 353 8.80 23.35 -36.93
CA PHE A 353 7.37 23.50 -36.71
C PHE A 353 6.97 24.42 -35.54
N TRP A 354 7.88 24.62 -34.58
CA TRP A 354 7.56 25.35 -33.33
C TRP A 354 8.59 26.45 -33.11
N SER A 355 8.16 27.70 -33.28
CA SER A 355 9.05 28.86 -33.15
C SER A 355 9.58 29.09 -31.73
N SER A 356 8.87 28.57 -30.72
CA SER A 356 9.37 28.60 -29.34
C SER A 356 10.66 27.79 -29.10
N LEU A 357 10.95 26.82 -29.97
CA LEU A 357 12.16 25.99 -29.88
C LEU A 357 13.38 26.60 -30.55
N ARG A 358 13.20 27.74 -31.24
CA ARG A 358 14.27 28.37 -31.98
C ARG A 358 15.11 29.33 -31.13
N ALA B 1 24.24 -20.23 8.03
CA ALA B 1 23.71 -18.83 8.11
C ALA B 1 22.33 -18.80 8.78
N PRO B 2 21.94 -17.64 9.37
CA PRO B 2 20.63 -17.60 10.02
C PRO B 2 19.45 -17.50 9.04
N ILE B 3 18.35 -18.14 9.41
CA ILE B 3 17.14 -18.16 8.61
C ILE B 3 16.01 -17.46 9.39
N THR B 4 15.20 -16.69 8.65
CA THR B 4 14.02 -16.02 9.21
C THR B 4 12.78 -16.71 8.66
N GLY B 5 11.88 -17.08 9.55
CA GLY B 5 10.60 -17.67 9.20
C GLY B 5 9.55 -16.60 8.97
N LEU B 6 8.57 -16.92 8.14
CA LEU B 6 7.44 -16.01 7.92
C LEU B 6 6.20 -16.85 7.79
N VAL B 7 5.15 -16.50 8.52
CA VAL B 7 3.87 -17.18 8.38
C VAL B 7 2.81 -16.16 7.98
N TYR B 8 2.00 -16.57 7.02
CA TYR B 8 0.90 -15.78 6.48
C TYR B 8 -0.06 -16.75 5.81
N ASP B 9 -1.35 -16.54 6.02
CA ASP B 9 -2.38 -17.31 5.34
C ASP B 9 -3.54 -16.39 5.03
N GLN B 10 -3.91 -16.31 3.75
CA GLN B 10 -4.98 -15.42 3.30
C GLN B 10 -6.37 -15.79 3.85
N ARG B 11 -6.55 -17.03 4.31
CA ARG B 11 -7.80 -17.42 4.98
C ARG B 11 -8.12 -16.57 6.22
N MET B 12 -7.11 -15.99 6.86
CA MET B 12 -7.33 -15.08 7.99
C MET B 12 -8.00 -13.75 7.58
N MET B 13 -8.09 -13.46 6.28
CA MET B 13 -8.90 -12.34 5.77
C MET B 13 -10.43 -12.53 5.89
N LEU B 14 -10.89 -13.77 6.11
CA LEU B 14 -12.32 -14.05 6.09
C LEU B 14 -13.11 -13.44 7.25
N HIS B 15 -12.45 -13.24 8.39
CA HIS B 15 -13.02 -12.54 9.55
C HIS B 15 -13.39 -11.10 9.13
N HIS B 16 -14.66 -10.74 9.24
CA HIS B 16 -15.08 -9.41 8.75
C HIS B 16 -16.26 -8.84 9.52
N ASN B 17 -16.45 -7.53 9.37
CA ASN B 17 -17.48 -6.80 10.08
C ASN B 17 -18.64 -6.58 9.13
N MET B 18 -19.73 -7.33 9.31
CA MET B 18 -20.83 -7.31 8.32
C MET B 18 -21.67 -6.03 8.37
N TRP B 19 -21.67 -5.32 9.50
CA TRP B 19 -22.45 -4.08 9.66
CA TRP B 19 -22.43 -4.07 9.66
C TRP B 19 -21.63 -2.84 9.27
N ASP B 20 -20.32 -2.91 9.51
CA ASP B 20 -19.43 -1.80 9.20
C ASP B 20 -18.23 -2.33 8.44
N SER B 21 -18.38 -2.41 7.12
CA SER B 21 -17.33 -2.98 6.27
C SER B 21 -16.04 -2.14 6.21
N HIS B 22 -16.12 -0.87 6.60
CA HIS B 22 -14.96 0.02 6.71
C HIS B 22 -14.33 0.10 8.10
N HIS B 23 -14.76 -0.75 9.04
CA HIS B 23 -14.15 -0.84 10.38
C HIS B 23 -12.63 -1.02 10.20
N PRO B 24 -11.81 -0.28 10.96
CA PRO B 24 -10.35 -0.27 10.71
C PRO B 24 -9.59 -1.60 10.85
N GLU B 25 -10.14 -2.58 11.57
CA GLU B 25 -9.51 -3.91 11.67
C GLU B 25 -9.90 -4.72 10.43
N LEU B 26 -9.32 -4.32 9.31
CA LEU B 26 -9.70 -4.79 8.00
C LEU B 26 -8.99 -6.09 7.62
N PRO B 27 -9.68 -6.94 6.84
CA PRO B 27 -9.03 -8.09 6.21
C PRO B 27 -7.71 -7.77 5.52
N GLN B 28 -7.69 -6.67 4.77
CA GLN B 28 -6.52 -6.31 3.98
C GLN B 28 -5.33 -5.80 4.82
N ARG B 29 -5.46 -5.69 6.14
CA ARG B 29 -4.29 -5.41 6.97
C ARG B 29 -3.19 -6.43 6.70
N ILE B 30 -3.54 -7.71 6.71
CA ILE B 30 -2.51 -8.76 6.55
C ILE B 30 -2.04 -8.93 5.10
N SER B 31 -2.97 -8.84 4.16
CA SER B 31 -2.57 -8.96 2.75
C SER B 31 -1.70 -7.79 2.32
N ARG B 32 -1.91 -6.59 2.89
CA ARG B 32 -1.06 -5.43 2.56
C ARG B 32 0.35 -5.59 3.10
N ILE B 33 0.47 -6.11 4.31
CA ILE B 33 1.77 -6.35 4.89
C ILE B 33 2.52 -7.40 4.04
N PHE B 34 1.82 -8.47 3.71
CA PHE B 34 2.41 -9.56 2.92
C PHE B 34 2.87 -9.01 1.56
N SER B 35 1.99 -8.24 0.92
CA SER B 35 2.31 -7.65 -0.37
C SER B 35 3.56 -6.76 -0.32
N ARG B 36 3.69 -5.97 0.74
CA ARG B 36 4.86 -5.12 0.89
C ARG B 36 6.15 -5.93 1.04
N HIS B 37 6.06 -7.07 1.73
CA HIS B 37 7.18 -8.01 1.81
C HIS B 37 7.59 -8.51 0.40
N GLU B 38 6.61 -8.85 -0.43
CA GLU B 38 6.84 -9.25 -1.84
C GLU B 38 7.50 -8.14 -2.65
N GLU B 39 6.94 -6.92 -2.54
CA GLU B 39 7.52 -5.71 -3.20
C GLU B 39 8.95 -5.39 -2.87
N LEU B 40 9.30 -5.48 -1.59
CA LEU B 40 10.66 -5.23 -1.13
C LEU B 40 11.58 -6.44 -1.31
N ARG B 41 11.05 -7.55 -1.84
CA ARG B 41 11.76 -8.82 -2.06
C ARG B 41 12.26 -9.48 -0.76
N LEU B 42 11.51 -9.27 0.31
CA LEU B 42 11.81 -9.85 1.60
C LEU B 42 11.24 -11.25 1.72
N LEU B 43 10.10 -11.51 1.07
CA LEU B 43 9.41 -12.78 1.18
C LEU B 43 10.29 -13.95 0.74
N SER B 44 10.95 -13.79 -0.40
CA SER B 44 11.79 -14.87 -0.95
C SER B 44 13.05 -15.14 -0.11
N ARG B 45 13.43 -14.19 0.75
CA ARG B 45 14.54 -14.37 1.67
C ARG B 45 14.16 -15.07 2.98
N CYS B 46 12.87 -15.30 3.20
CA CYS B 46 12.37 -16.00 4.38
C CYS B 46 11.97 -17.44 4.07
N HIS B 47 12.03 -18.30 5.09
CA HIS B 47 11.44 -19.62 4.99
C HIS B 47 9.97 -19.54 5.35
N ARG B 48 9.10 -20.01 4.46
CA ARG B 48 7.67 -19.94 4.70
C ARG B 48 7.22 -21.06 5.66
N ILE B 49 6.71 -20.66 6.82
CA ILE B 49 6.18 -21.61 7.81
C ILE B 49 4.69 -21.76 7.56
N PRO B 50 4.16 -23.00 7.51
CA PRO B 50 2.73 -23.15 7.25
C PRO B 50 1.85 -22.74 8.43
N ALA B 51 0.70 -22.13 8.14
CA ALA B 51 -0.34 -21.91 9.13
C ALA B 51 -1.02 -23.24 9.48
N ARG B 52 -1.54 -23.33 10.69
CA ARG B 52 -2.49 -24.38 11.07
C ARG B 52 -3.52 -23.83 12.01
N LEU B 53 -4.60 -24.59 12.20
CA LEU B 53 -5.58 -24.29 13.22
C LEU B 53 -5.05 -24.72 14.57
N ALA B 54 -5.15 -23.85 15.58
CA ALA B 54 -5.00 -24.26 16.96
C ALA B 54 -6.11 -25.24 17.34
N THR B 55 -5.82 -26.11 18.30
CA THR B 55 -6.79 -27.05 18.84
C THR B 55 -7.44 -26.46 20.07
N GLU B 56 -8.61 -26.98 20.42
CA GLU B 56 -9.30 -26.56 21.64
C GLU B 56 -8.46 -26.81 22.89
N GLU B 57 -7.72 -27.91 22.90
CA GLU B 57 -6.80 -28.20 24.00
C GLU B 57 -5.72 -27.12 24.15
N GLU B 58 -5.18 -26.65 23.01
CA GLU B 58 -4.17 -25.58 23.02
C GLU B 58 -4.75 -24.25 23.49
N LEU B 59 -6.00 -23.97 23.10
CA LEU B 59 -6.70 -22.77 23.60
C LEU B 59 -6.87 -22.80 25.11
N ALA B 60 -7.06 -24.01 25.67
CA ALA B 60 -7.26 -24.18 27.11
C ALA B 60 -6.02 -23.91 27.95
N LEU B 61 -4.86 -23.72 27.30
CA LEU B 61 -3.66 -23.25 27.98
C LEU B 61 -3.84 -21.90 28.64
N CYS B 62 -4.64 -21.03 28.02
CA CYS B 62 -4.92 -19.70 28.56
C CYS B 62 -6.40 -19.38 28.79
N HIS B 63 -7.34 -20.10 28.13
CA HIS B 63 -8.75 -19.69 28.13
C HIS B 63 -9.66 -20.70 28.78
N SER B 64 -10.77 -20.21 29.33
CA SER B 64 -11.77 -21.06 29.97
C SER B 64 -12.58 -21.85 28.93
N SER B 65 -13.11 -23.01 29.33
CA SER B 65 -13.93 -23.80 28.42
C SER B 65 -15.19 -23.03 27.99
N LYS B 66 -15.77 -22.26 28.90
CA LYS B 66 -16.97 -21.44 28.59
C LYS B 66 -16.65 -20.44 27.49
N HIS B 67 -15.54 -19.70 27.65
CA HIS B 67 -15.10 -18.76 26.60
C HIS B 67 -14.86 -19.46 25.27
N ILE B 68 -14.12 -20.57 25.30
CA ILE B 68 -13.83 -21.31 24.08
C ILE B 68 -15.13 -21.80 23.41
N SER B 69 -16.06 -22.33 24.20
CA SER B 69 -17.31 -22.88 23.66
CA SER B 69 -17.31 -22.87 23.66
C SER B 69 -18.18 -21.79 23.01
N ILE B 70 -18.29 -20.64 23.66
CA ILE B 70 -19.11 -19.51 23.14
C ILE B 70 -18.58 -19.01 21.81
N ILE B 71 -17.26 -18.77 21.72
CA ILE B 71 -16.67 -18.28 20.48
C ILE B 71 -16.76 -19.36 19.40
N LYS B 72 -16.46 -20.62 19.75
CA LYS B 72 -16.67 -21.75 18.83
C LYS B 72 -18.09 -21.78 18.25
N SER B 73 -19.10 -21.56 19.08
CA SER B 73 -20.51 -21.60 18.66
C SER B 73 -20.88 -20.51 17.62
N SER B 74 -20.14 -19.40 17.62
CA SER B 74 -20.37 -18.32 16.63
C SER B 74 -20.21 -18.76 15.18
N GLU B 75 -19.43 -19.81 14.94
CA GLU B 75 -19.27 -20.37 13.59
C GLU B 75 -20.58 -20.68 12.84
N HIS B 76 -21.62 -21.10 13.55
CA HIS B 76 -22.90 -21.47 12.92
C HIS B 76 -24.07 -20.56 13.28
N MET B 77 -23.76 -19.42 13.93
CA MET B 77 -24.78 -18.43 14.28
C MET B 77 -25.34 -17.69 13.07
N LYS B 78 -26.60 -17.29 13.16
CA LYS B 78 -27.20 -16.39 12.18
C LYS B 78 -26.77 -14.94 12.50
N PRO B 79 -26.89 -14.01 11.54
CA PRO B 79 -26.40 -12.65 11.75
C PRO B 79 -26.89 -11.95 13.02
N ARG B 80 -28.15 -12.14 13.38
CA ARG B 80 -28.69 -11.52 14.59
C ARG B 80 -28.00 -12.02 15.85
N ASP B 81 -27.76 -13.33 15.92
CA ASP B 81 -27.00 -13.96 17.02
C ASP B 81 -25.57 -13.39 17.11
N LEU B 82 -24.92 -13.27 15.95
CA LEU B 82 -23.55 -12.71 15.86
C LEU B 82 -23.48 -11.27 16.33
N ASN B 83 -24.44 -10.45 15.89
CA ASN B 83 -24.51 -9.04 16.30
C ASN B 83 -24.69 -8.92 17.80
N ARG B 84 -25.64 -9.66 18.34
CA ARG B 84 -25.92 -9.61 19.76
C ARG B 84 -24.75 -10.11 20.61
N LEU B 85 -24.17 -11.23 20.19
CA LEU B 85 -23.02 -11.79 20.90
C LEU B 85 -21.87 -10.80 20.92
N GLY B 86 -21.56 -10.25 19.75
CA GLY B 86 -20.52 -9.24 19.63
C GLY B 86 -20.72 -8.07 20.57
N ASP B 87 -21.98 -7.62 20.68
CA ASP B 87 -22.31 -6.45 21.52
C ASP B 87 -22.25 -6.70 23.04
N GLU B 88 -22.10 -7.96 23.46
CA GLU B 88 -21.85 -8.31 24.86
C GLU B 88 -20.43 -7.98 25.31
N TYR B 89 -19.49 -7.89 24.35
CA TYR B 89 -18.09 -7.59 24.62
C TYR B 89 -17.77 -6.11 24.35
N ASN B 90 -16.66 -5.67 24.92
CA ASN B 90 -16.10 -4.34 24.67
C ASN B 90 -15.37 -4.39 23.33
N SER B 91 -15.95 -3.73 22.32
CA SER B 91 -15.30 -3.53 21.02
C SER B 91 -14.97 -4.82 20.26
N ILE B 92 -15.99 -5.59 19.92
CA ILE B 92 -15.86 -6.83 19.17
C ILE B 92 -16.91 -6.89 18.06
N PHE B 93 -16.48 -7.32 16.87
CA PHE B 93 -17.39 -7.78 15.82
C PHE B 93 -17.10 -9.23 15.50
N ILE B 94 -18.14 -9.97 15.10
CA ILE B 94 -18.02 -11.41 14.87
C ILE B 94 -18.76 -11.77 13.59
N SER B 95 -18.13 -12.61 12.78
CA SER B 95 -18.77 -13.24 11.62
C SER B 95 -18.61 -14.76 11.77
N ASN B 96 -19.25 -15.50 10.87
CA ASN B 96 -19.19 -16.98 10.90
C ASN B 96 -17.76 -17.53 10.74
N GLU B 97 -16.85 -16.75 10.16
CA GLU B 97 -15.46 -17.17 9.95
C GLU B 97 -14.49 -16.74 11.06
N SER B 98 -14.97 -15.98 12.04
CA SER B 98 -14.11 -15.39 13.06
C SER B 98 -13.37 -16.43 13.91
N TYR B 99 -14.11 -17.44 14.39
CA TYR B 99 -13.53 -18.50 15.20
C TYR B 99 -12.36 -19.17 14.49
N THR B 100 -12.59 -19.59 13.26
CA THR B 100 -11.57 -20.27 12.46
C THR B 100 -10.35 -19.38 12.20
N CYS B 101 -10.60 -18.08 11.98
CA CYS B 101 -9.50 -17.13 11.77
C CYS B 101 -8.65 -16.97 13.04
N ALA B 102 -9.30 -16.86 14.19
CA ALA B 102 -8.63 -16.78 15.48
C ALA B 102 -7.78 -18.03 15.75
N LEU B 103 -8.34 -19.21 15.42
CA LEU B 103 -7.57 -20.47 15.51
C LEU B 103 -6.33 -20.47 14.62
N LEU B 104 -6.50 -19.93 13.41
CA LEU B 104 -5.41 -19.81 12.44
C LEU B 104 -4.28 -18.88 12.90
N ALA B 105 -4.65 -17.73 13.46
CA ALA B 105 -3.66 -16.81 14.01
C ALA B 105 -2.80 -17.48 15.09
N ALA B 106 -3.46 -18.16 16.01
CA ALA B 106 -2.78 -18.80 17.12
C ALA B 106 -1.90 -19.96 16.62
N GLY B 107 -2.47 -20.83 15.82
CA GLY B 107 -1.74 -22.00 15.30
C GLY B 107 -0.57 -21.64 14.41
N SER B 108 -0.71 -20.54 13.66
CA SER B 108 0.41 -19.98 12.89
C SER B 108 1.60 -19.59 13.79
N CYS B 109 1.29 -18.97 14.92
CA CYS B 109 2.32 -18.58 15.87
C CYS B 109 2.94 -19.79 16.57
N PHE B 110 2.13 -20.81 16.86
CA PHE B 110 2.67 -22.05 17.47
C PHE B 110 3.68 -22.69 16.55
N ASN B 111 3.33 -22.79 15.26
CA ASN B 111 4.25 -23.39 14.29
C ASN B 111 5.54 -22.57 14.21
N SER B 112 5.41 -21.25 14.28
CA SER B 112 6.56 -20.35 14.26
C SER B 112 7.45 -20.50 15.49
N ALA B 113 6.83 -20.63 16.66
CA ALA B 113 7.58 -20.81 17.90
C ALA B 113 8.32 -22.15 17.89
N GLN B 114 7.62 -23.18 17.42
CA GLN B 114 8.21 -24.52 17.26
C GLN B 114 9.42 -24.49 16.35
N ALA B 115 9.31 -23.78 15.23
CA ALA B 115 10.42 -23.64 14.28
C ALA B 115 11.63 -22.93 14.89
N ILE B 116 11.38 -21.92 15.72
CA ILE B 116 12.45 -21.20 16.42
C ILE B 116 13.11 -22.11 17.47
N LEU B 117 12.28 -22.79 18.26
CA LEU B 117 12.75 -23.57 19.39
C LEU B 117 13.43 -24.89 18.98
N THR B 118 13.10 -25.41 17.79
CA THR B 118 13.82 -26.59 17.23
C THR B 118 15.06 -26.21 16.41
N GLY B 119 15.37 -24.91 16.31
CA GLY B 119 16.51 -24.43 15.55
C GLY B 119 16.33 -24.38 14.03
N GLN B 120 15.12 -24.64 13.53
CA GLN B 120 14.87 -24.63 12.08
C GLN B 120 14.97 -23.23 11.48
N VAL B 121 14.54 -22.23 12.25
CA VAL B 121 14.80 -20.82 11.97
C VAL B 121 15.38 -20.18 13.22
N ARG B 122 16.11 -19.08 13.05
CA ARG B 122 16.62 -18.28 14.15
C ARG B 122 15.53 -17.38 14.74
N ASN B 123 14.73 -16.78 13.87
CA ASN B 123 13.69 -15.82 14.28
C ASN B 123 12.53 -15.90 13.27
N ALA B 124 11.44 -15.16 13.50
CA ALA B 124 10.29 -15.26 12.62
C ALA B 124 9.33 -14.11 12.80
N VAL B 125 8.49 -13.94 11.78
CA VAL B 125 7.43 -12.93 11.74
CA VAL B 125 7.44 -12.93 11.74
C VAL B 125 6.11 -13.62 11.43
N ALA B 126 5.04 -13.16 12.07
CA ALA B 126 3.74 -13.78 11.94
C ALA B 126 2.74 -12.69 11.56
N ILE B 127 2.25 -12.77 10.31
CA ILE B 127 1.35 -11.76 9.74
C ILE B 127 -0.04 -12.35 9.91
N VAL B 128 -0.63 -12.07 11.07
CA VAL B 128 -1.88 -12.70 11.48
C VAL B 128 -2.95 -11.70 11.93
N ARG B 129 -4.20 -12.11 11.80
CA ARG B 129 -5.35 -11.44 12.38
C ARG B 129 -6.46 -12.50 12.59
N PRO B 130 -7.45 -12.24 13.45
CA PRO B 130 -7.54 -11.10 14.35
C PRO B 130 -6.42 -11.05 15.38
N PRO B 131 -6.21 -9.86 16.00
CA PRO B 131 -5.18 -9.70 17.05
C PRO B 131 -5.55 -10.43 18.34
N GLY B 132 -4.64 -10.43 19.32
CA GLY B 132 -4.84 -11.22 20.54
C GLY B 132 -4.72 -10.56 21.90
N HIS B 133 -3.95 -9.47 22.02
CA HIS B 133 -3.50 -9.06 23.35
C HIS B 133 -4.54 -8.51 24.33
N HIS B 134 -5.70 -8.10 23.81
CA HIS B 134 -6.81 -7.69 24.68
C HIS B 134 -7.66 -8.86 25.18
N ALA B 135 -7.50 -10.05 24.57
CA ALA B 135 -8.32 -11.22 24.96
C ALA B 135 -7.92 -11.72 26.35
N GLU B 136 -8.93 -11.92 27.19
CA GLU B 136 -8.75 -12.38 28.56
C GLU B 136 -9.01 -13.89 28.62
N LYS B 137 -8.67 -14.49 29.76
CA LYS B 137 -8.97 -15.90 30.01
C LYS B 137 -10.42 -16.23 29.65
N ASP B 138 -11.35 -15.42 30.14
CA ASP B 138 -12.79 -15.72 30.04
C ASP B 138 -13.58 -14.80 29.10
N THR B 139 -12.93 -13.89 28.39
CA THR B 139 -13.69 -12.96 27.54
C THR B 139 -12.88 -12.43 26.35
N ALA B 140 -13.61 -12.10 25.28
CA ALA B 140 -13.07 -11.39 24.11
C ALA B 140 -13.13 -9.88 24.37
N CYS B 141 -12.28 -9.13 23.68
CA CYS B 141 -12.17 -7.68 23.91
C CYS B 141 -11.29 -7.02 22.85
N GLY B 142 -11.64 -5.79 22.45
CA GLY B 142 -10.73 -4.97 21.62
C GLY B 142 -10.24 -5.64 20.34
N PHE B 143 -11.18 -6.22 19.60
CA PHE B 143 -10.95 -6.89 18.33
C PHE B 143 -10.26 -8.26 18.47
N CYS B 144 -10.10 -8.74 19.70
CA CYS B 144 -9.35 -9.97 20.00
C CYS B 144 -10.25 -11.03 20.61
N PHE B 145 -10.12 -12.28 20.13
CA PHE B 145 -10.87 -13.43 20.66
C PHE B 145 -10.05 -14.32 21.61
N PHE B 146 -8.86 -14.69 21.16
CA PHE B 146 -7.94 -15.52 21.92
C PHE B 146 -6.60 -14.82 21.93
N ASN B 147 -5.86 -14.98 23.03
CA ASN B 147 -4.66 -14.22 23.24
C ASN B 147 -3.49 -14.98 22.64
N THR B 148 -3.29 -14.71 21.36
CA THR B 148 -2.28 -15.36 20.53
C THR B 148 -0.90 -15.38 21.15
N ALA B 149 -0.43 -14.23 21.63
CA ALA B 149 0.92 -14.16 22.21
C ALA B 149 1.03 -14.93 23.53
N ALA B 150 0.00 -14.82 24.37
CA ALA B 150 -0.02 -15.54 25.63
C ALA B 150 -0.05 -17.05 25.38
N LEU B 151 -0.91 -17.47 24.46
CA LEU B 151 -1.01 -18.88 24.08
C LEU B 151 0.31 -19.39 23.53
N THR B 152 0.98 -18.57 22.72
CA THR B 152 2.29 -18.95 22.15
C THR B 152 3.34 -19.18 23.25
N ALA B 153 3.35 -18.34 24.27
CA ALA B 153 4.29 -18.51 25.37
C ALA B 153 4.04 -19.84 26.09
N ARG B 154 2.78 -20.15 26.36
CA ARG B 154 2.40 -21.43 26.99
C ARG B 154 2.64 -22.64 26.08
N TYR B 155 2.40 -22.47 24.78
CA TYR B 155 2.72 -23.51 23.81
C TYR B 155 4.21 -23.80 23.82
N ALA B 156 5.02 -22.74 23.81
CA ALA B 156 6.48 -22.84 23.85
C ALA B 156 6.96 -23.62 25.08
N GLN B 157 6.38 -23.29 26.23
CA GLN B 157 6.67 -24.01 27.47
C GLN B 157 6.28 -25.49 27.38
N SER B 158 5.17 -25.78 26.72
CA SER B 158 4.64 -27.13 26.62
C SER B 158 5.54 -28.08 25.81
N ILE B 159 6.30 -27.53 24.86
CA ILE B 159 7.18 -28.35 23.99
C ILE B 159 8.65 -28.27 24.40
N THR B 160 8.95 -27.53 25.47
CA THR B 160 10.29 -27.44 26.03
C THR B 160 10.25 -27.85 27.51
N ARG B 161 10.19 -26.86 28.41
CA ARG B 161 9.98 -27.10 29.84
C ARG B 161 9.06 -26.03 30.39
N GLU B 162 8.29 -26.37 31.42
CA GLU B 162 7.28 -25.45 31.97
C GLU B 162 7.85 -24.09 32.40
N SER B 163 9.08 -24.07 32.89
CA SER B 163 9.73 -22.84 33.37
C SER B 163 10.55 -22.08 32.33
N LEU B 164 10.47 -22.46 31.05
CA LEU B 164 11.13 -21.71 29.96
C LEU B 164 10.82 -20.22 30.11
N ARG B 165 11.86 -19.39 30.17
CA ARG B 165 11.71 -17.96 30.38
C ARG B 165 11.33 -17.29 29.07
N VAL B 166 10.13 -16.74 29.01
CA VAL B 166 9.62 -16.05 27.82
C VAL B 166 9.43 -14.59 28.16
N LEU B 167 10.03 -13.69 27.36
CA LEU B 167 9.78 -12.25 27.42
C LEU B 167 8.74 -11.91 26.38
N ILE B 168 7.70 -11.20 26.79
CA ILE B 168 6.70 -10.63 25.86
C ILE B 168 6.89 -9.12 25.93
N VAL B 169 7.30 -8.51 24.81
CA VAL B 169 7.36 -7.05 24.70
C VAL B 169 6.18 -6.65 23.84
N ASP B 170 5.32 -5.79 24.37
CA ASP B 170 4.11 -5.39 23.72
C ASP B 170 4.26 -3.90 23.39
N TRP B 171 4.57 -3.60 22.12
CA TRP B 171 4.72 -2.22 21.66
C TRP B 171 3.54 -1.68 20.86
N ASP B 172 2.46 -2.47 20.77
CA ASP B 172 1.16 -1.93 20.35
C ASP B 172 0.86 -0.70 21.24
N VAL B 173 0.22 0.32 20.69
CA VAL B 173 -0.03 1.58 21.44
C VAL B 173 -1.01 1.37 22.60
N HIS B 174 -1.79 0.30 22.54
CA HIS B 174 -2.73 -0.04 23.62
C HIS B 174 -2.14 -1.03 24.60
N HIS B 175 -2.51 -0.92 25.87
CA HIS B 175 -2.11 -1.88 26.87
C HIS B 175 -2.66 -3.27 26.54
N GLY B 176 -1.82 -4.30 26.66
CA GLY B 176 -2.28 -5.68 26.50
C GLY B 176 -2.89 -6.18 27.80
N ASN B 177 -4.09 -5.72 28.11
CA ASN B 177 -4.76 -6.08 29.39
C ASN B 177 -4.82 -7.61 29.61
N GLY B 178 -5.18 -8.32 28.55
CA GLY B 178 -5.33 -9.76 28.60
C GLY B 178 -4.02 -10.45 28.90
N THR B 179 -2.96 -10.01 28.23
CA THR B 179 -1.66 -10.61 28.48
C THR B 179 -1.18 -10.36 29.92
N GLN B 180 -1.32 -9.13 30.39
CA GLN B 180 -1.00 -8.82 31.78
C GLN B 180 -1.70 -9.78 32.75
N HIS B 181 -3.01 -9.92 32.58
CA HIS B 181 -3.82 -10.70 33.53
C HIS B 181 -3.50 -12.17 33.49
N ILE B 182 -3.30 -12.71 32.28
CA ILE B 182 -2.97 -14.12 32.10
C ILE B 182 -1.70 -14.50 32.84
N PHE B 183 -0.69 -13.64 32.81
CA PHE B 183 0.58 -13.93 33.43
C PHE B 183 0.84 -13.15 34.74
N GLU B 184 -0.16 -12.51 35.31
CA GLU B 184 0.09 -11.59 36.42
C GLU B 184 0.73 -12.28 37.64
N GLU B 185 0.45 -13.57 37.82
CA GLU B 185 0.98 -14.35 38.96
C GLU B 185 2.12 -15.28 38.56
N ASP B 186 2.75 -15.01 37.42
CA ASP B 186 3.74 -15.90 36.86
C ASP B 186 5.09 -15.20 36.73
N ASP B 187 6.17 -15.86 37.17
CA ASP B 187 7.55 -15.36 37.00
C ASP B 187 8.28 -15.97 35.79
N SER B 188 7.65 -16.92 35.09
CA SER B 188 8.27 -17.55 33.90
C SER B 188 8.06 -16.72 32.64
N VAL B 189 7.07 -15.81 32.68
CA VAL B 189 6.75 -14.97 31.52
C VAL B 189 6.83 -13.51 31.96
N LEU B 190 7.89 -12.80 31.55
CA LEU B 190 8.03 -11.38 31.81
C LEU B 190 7.23 -10.61 30.77
N TYR B 191 6.31 -9.77 31.21
CA TYR B 191 5.45 -8.96 30.33
C TYR B 191 5.90 -7.52 30.45
N ILE B 192 6.31 -6.91 29.33
CA ILE B 192 6.69 -5.51 29.28
C ILE B 192 5.82 -4.86 28.22
N SER B 193 5.07 -3.84 28.62
CA SER B 193 4.18 -3.11 27.72
C SER B 193 4.52 -1.62 27.73
N LEU B 194 4.64 -1.02 26.55
CA LEU B 194 4.63 0.42 26.36
C LEU B 194 3.29 0.78 25.76
N HIS B 195 2.64 1.80 26.29
CA HIS B 195 1.31 2.13 25.82
C HIS B 195 0.91 3.56 26.14
N ARG B 196 0.10 4.13 25.27
CA ARG B 196 -0.61 5.37 25.57
C ARG B 196 -1.62 5.09 26.68
N TYR B 197 -1.54 5.86 27.76
CA TYR B 197 -2.34 5.64 28.97
C TYR B 197 -3.30 6.80 29.21
N GLU B 198 -2.75 8.02 29.27
CA GLU B 198 -3.51 9.27 29.48
C GLU B 198 -4.31 9.20 30.79
N ASP B 199 -3.62 8.82 31.86
CA ASP B 199 -4.23 8.63 33.20
C ASP B 199 -5.45 7.71 33.20
N GLY B 200 -5.41 6.68 32.35
CA GLY B 200 -6.52 5.73 32.22
C GLY B 200 -7.63 6.06 31.26
N ALA B 201 -7.51 7.17 30.51
CA ALA B 201 -8.53 7.62 29.56
C ALA B 201 -8.44 6.97 28.18
N PHE B 202 -7.31 6.35 27.86
CA PHE B 202 -7.11 5.75 26.55
C PHE B 202 -7.46 4.26 26.60
N PHE B 203 -8.09 3.75 25.55
CA PHE B 203 -8.47 2.31 25.47
C PHE B 203 -7.28 1.42 25.86
N PRO B 204 -7.47 0.39 26.72
CA PRO B 204 -8.76 -0.15 27.17
C PRO B 204 -9.33 0.44 28.47
N ASN B 205 -8.88 1.65 28.83
CA ASN B 205 -9.54 2.52 29.83
C ASN B 205 -9.47 1.98 31.26
N SER B 206 -8.35 1.37 31.60
CA SER B 206 -8.17 0.75 32.91
C SER B 206 -6.88 1.16 33.57
N GLU B 207 -6.98 1.44 34.87
CA GLU B 207 -5.80 1.74 35.67
C GLU B 207 -4.89 0.53 35.91
N ASP B 208 -5.30 -0.67 35.48
CA ASP B 208 -4.42 -1.85 35.43
C ASP B 208 -3.17 -1.59 34.57
N ALA B 209 -3.29 -0.66 33.62
CA ALA B 209 -2.19 -0.25 32.73
C ALA B 209 -1.12 0.66 33.36
N ASN B 210 -1.29 1.08 34.61
CA ASN B 210 -0.35 2.04 35.20
C ASN B 210 0.94 1.39 35.68
N TYR B 211 1.97 2.21 35.88
CA TYR B 211 3.31 1.74 36.21
C TYR B 211 3.42 1.00 37.55
N ASP B 212 2.47 1.26 38.44
CA ASP B 212 2.52 0.63 39.77
C ASP B 212 1.99 -0.80 39.80
N LYS B 213 1.46 -1.30 38.68
CA LYS B 213 1.04 -2.70 38.59
C LYS B 213 2.25 -3.55 38.20
N VAL B 214 2.90 -4.12 39.21
CA VAL B 214 4.18 -4.80 39.04
C VAL B 214 4.05 -6.33 39.00
N GLY B 215 2.83 -6.85 39.10
CA GLY B 215 2.56 -8.29 39.19
C GLY B 215 2.17 -8.70 40.60
N LEU B 216 1.67 -9.94 40.71
CA LEU B 216 1.12 -10.46 41.97
C LEU B 216 1.76 -11.79 42.36
N GLY B 217 1.84 -12.08 43.66
CA GLY B 217 2.34 -13.37 44.11
C GLY B 217 3.76 -13.60 43.64
N LYS B 218 4.04 -14.76 43.07
CA LYS B 218 5.39 -15.04 42.57
C LYS B 218 5.72 -14.20 41.33
N GLY B 219 4.69 -13.63 40.70
CA GLY B 219 4.86 -12.71 39.57
C GLY B 219 5.24 -11.28 39.93
N ARG B 220 5.46 -10.97 41.21
CA ARG B 220 5.85 -9.62 41.59
C ARG B 220 7.19 -9.23 41.00
N GLY B 221 7.20 -8.12 40.27
CA GLY B 221 8.37 -7.65 39.53
C GLY B 221 8.39 -8.05 38.06
N TYR B 222 7.50 -8.96 37.66
CA TYR B 222 7.54 -9.54 36.32
C TYR B 222 6.48 -8.97 35.38
N ASN B 223 5.84 -7.88 35.78
CA ASN B 223 4.92 -7.12 34.94
C ASN B 223 5.42 -5.68 34.91
N VAL B 224 5.81 -5.20 33.72
CA VAL B 224 6.39 -3.88 33.57
C VAL B 224 5.50 -3.06 32.63
N ASN B 225 4.78 -2.11 33.20
CA ASN B 225 3.96 -1.20 32.43
C ASN B 225 4.68 0.14 32.27
N ILE B 226 4.81 0.60 31.03
CA ILE B 226 5.40 1.90 30.70
C ILE B 226 4.29 2.75 30.08
N PRO B 227 3.58 3.56 30.90
CA PRO B 227 2.44 4.33 30.42
C PRO B 227 2.81 5.75 30.01
N TRP B 228 2.36 6.14 28.81
CA TRP B 228 2.61 7.48 28.28
C TRP B 228 1.40 8.37 28.54
N ASN B 229 1.68 9.60 28.97
CA ASN B 229 0.66 10.59 29.25
C ASN B 229 1.06 11.92 28.61
N GLY B 230 0.07 12.63 28.06
CA GLY B 230 0.23 13.99 27.58
C GLY B 230 1.44 14.23 26.70
N GLY B 231 1.38 13.71 25.49
CA GLY B 231 2.48 13.86 24.53
C GLY B 231 2.31 12.98 23.31
N LYS B 232 2.67 13.54 22.15
CA LYS B 232 2.67 12.79 20.89
C LYS B 232 4.00 12.03 20.82
N MET B 233 4.03 10.87 21.47
CA MET B 233 5.28 10.15 21.65
C MET B 233 5.73 9.53 20.34
N GLY B 234 7.03 9.36 20.20
CA GLY B 234 7.64 8.81 19.00
C GLY B 234 8.98 8.19 19.28
N ASP B 235 9.82 8.15 18.26
CA ASP B 235 11.12 7.48 18.31
C ASP B 235 11.99 7.87 19.52
N PRO B 236 12.13 9.18 19.83
CA PRO B 236 12.95 9.55 21.02
C PRO B 236 12.50 8.86 22.32
N GLU B 237 11.19 8.86 22.55
CA GLU B 237 10.63 8.36 23.82
C GLU B 237 10.76 6.83 23.90
N TYR B 238 10.43 6.16 22.78
CA TYR B 238 10.58 4.70 22.72
C TYR B 238 12.02 4.24 22.85
N MET B 239 12.96 4.96 22.22
CA MET B 239 14.38 4.63 22.35
C MET B 239 14.87 4.80 23.79
N ALA B 240 14.43 5.88 24.44
CA ALA B 240 14.76 6.15 25.84
C ALA B 240 14.20 5.06 26.74
N ALA B 241 12.94 4.70 26.53
CA ALA B 241 12.31 3.62 27.30
C ALA B 241 13.04 2.29 27.14
N PHE B 242 13.50 1.98 25.92
CA PHE B 242 14.29 0.77 25.68
C PHE B 242 15.66 0.80 26.38
N HIS B 243 16.32 1.95 26.33
CA HIS B 243 17.65 2.12 26.93
C HIS B 243 17.62 2.02 28.46
N HIS B 244 16.70 2.75 29.08
CA HIS B 244 16.61 2.83 30.54
C HIS B 244 15.86 1.66 31.19
N LEU B 245 14.83 1.14 30.52
CA LEU B 245 13.93 0.12 31.12
C LEU B 245 13.94 -1.25 30.43
N VAL B 246 13.54 -1.31 29.16
CA VAL B 246 13.24 -2.59 28.51
C VAL B 246 14.48 -3.47 28.43
N MET B 247 15.57 -2.90 27.92
CA MET B 247 16.77 -3.69 27.71
C MET B 247 17.49 -4.09 29.02
N PRO B 248 17.68 -3.14 29.96
CA PRO B 248 18.25 -3.53 31.27
C PRO B 248 17.47 -4.65 31.98
N ILE B 249 16.14 -4.50 32.05
CA ILE B 249 15.28 -5.54 32.66
C ILE B 249 15.38 -6.85 31.87
N ALA B 250 15.24 -6.79 30.55
CA ALA B 250 15.27 -8.00 29.75
C ALA B 250 16.57 -8.79 29.89
N ARG B 251 17.70 -8.10 29.88
CA ARG B 251 18.99 -8.77 30.01
C ARG B 251 19.15 -9.50 31.35
N GLU B 252 18.67 -8.87 32.40
CA GLU B 252 18.70 -9.48 33.75
C GLU B 252 17.78 -10.70 33.85
N PHE B 253 16.58 -10.60 33.26
CA PHE B 253 15.65 -11.73 33.15
C PHE B 253 16.22 -12.90 32.35
N ALA B 254 17.02 -12.61 31.32
CA ALA B 254 17.67 -13.61 30.48
C ALA B 254 16.67 -14.51 29.78
N PRO B 255 15.81 -13.92 28.92
CA PRO B 255 14.81 -14.76 28.26
C PRO B 255 15.45 -15.79 27.35
N GLU B 256 14.78 -16.92 27.20
CA GLU B 256 15.15 -17.95 26.24
C GLU B 256 14.33 -17.84 24.93
N LEU B 257 13.22 -17.10 24.98
CA LEU B 257 12.40 -16.82 23.80
C LEU B 257 11.81 -15.42 23.97
N VAL B 258 11.79 -14.63 22.90
CA VAL B 258 11.20 -13.28 22.93
C VAL B 258 10.03 -13.29 21.95
N LEU B 259 8.86 -12.91 22.45
CA LEU B 259 7.68 -12.69 21.63
C LEU B 259 7.43 -11.20 21.63
N VAL B 260 7.16 -10.65 20.45
CA VAL B 260 6.82 -9.24 20.38
C VAL B 260 5.36 -9.19 20.00
N SER B 261 4.54 -8.62 20.88
CA SER B 261 3.18 -8.24 20.51
C SER B 261 3.31 -6.94 19.74
N ALA B 262 3.46 -7.09 18.42
CA ALA B 262 3.89 -6.03 17.54
C ALA B 262 2.69 -5.38 16.89
N GLY B 263 2.04 -4.51 17.62
CA GLY B 263 1.05 -3.63 17.01
C GLY B 263 1.82 -2.52 16.32
N PHE B 264 1.28 -1.98 15.24
CA PHE B 264 1.89 -0.79 14.62
C PHE B 264 0.92 0.39 14.64
N ASP B 265 0.15 0.50 15.73
CA ASP B 265 -0.76 1.64 15.92
C ASP B 265 -0.13 2.84 16.65
N ALA B 266 1.10 2.70 17.15
CA ALA B 266 1.89 3.87 17.60
C ALA B 266 2.59 4.55 16.41
N ALA B 267 2.36 4.03 15.20
CA ALA B 267 3.03 4.52 14.01
C ALA B 267 2.53 5.87 13.57
N ARG B 268 3.46 6.66 13.04
CA ARG B 268 3.10 7.87 12.29
C ARG B 268 2.04 7.50 11.26
N GLY B 269 0.93 8.25 11.30
CA GLY B 269 -0.19 8.06 10.38
C GLY B 269 -1.32 7.16 10.84
N ASP B 270 -1.18 6.51 11.99
CA ASP B 270 -2.28 5.67 12.47
C ASP B 270 -3.51 6.52 12.74
N PRO B 271 -4.70 6.07 12.33
CA PRO B 271 -5.90 6.88 12.59
C PRO B 271 -6.38 6.91 14.04
N LEU B 272 -5.94 5.95 14.86
CA LEU B 272 -6.35 5.87 16.28
C LEU B 272 -5.28 6.22 17.30
N GLY B 273 -4.04 5.84 17.05
CA GLY B 273 -2.98 5.91 18.08
C GLY B 273 -2.55 7.30 18.49
N GLY B 274 -2.46 8.21 17.52
CA GLY B 274 -2.03 9.59 17.77
C GLY B 274 -0.55 9.76 18.08
N PHE B 275 0.27 8.76 17.73
CA PHE B 275 1.71 8.78 18.00
C PHE B 275 2.46 8.85 16.67
N GLN B 276 3.78 8.91 16.73
CA GLN B 276 4.59 9.14 15.54
C GLN B 276 5.87 8.33 15.52
N VAL B 277 5.78 7.06 15.94
CA VAL B 277 6.89 6.12 15.80
C VAL B 277 7.06 5.86 14.30
N THR B 278 8.30 5.89 13.84
CA THR B 278 8.60 5.77 12.41
C THR B 278 8.98 4.32 12.10
N PRO B 279 8.95 3.94 10.80
CA PRO B 279 9.38 2.58 10.49
C PRO B 279 10.83 2.29 10.93
N GLU B 280 11.65 3.33 10.86
CA GLU B 280 13.04 3.23 11.28
C GLU B 280 13.14 3.04 12.79
N GLY B 281 12.23 3.70 13.52
CA GLY B 281 12.08 3.47 14.95
C GLY B 281 11.80 2.02 15.28
N TYR B 282 10.81 1.44 14.60
CA TYR B 282 10.47 0.03 14.80
C TYR B 282 11.64 -0.90 14.44
N ALA B 283 12.41 -0.53 13.41
CA ALA B 283 13.59 -1.29 13.03
C ALA B 283 14.62 -1.32 14.18
N HIS B 284 14.83 -0.16 14.80
CA HIS B 284 15.80 -0.07 15.91
C HIS B 284 15.33 -0.84 17.14
N LEU B 285 14.03 -0.76 17.45
CA LEU B 285 13.47 -1.56 18.55
C LEU B 285 13.68 -3.05 18.29
N THR B 286 13.36 -3.52 17.07
CA THR B 286 13.59 -4.91 16.68
C THR B 286 15.06 -5.30 16.82
N HIS B 287 15.93 -4.46 16.26
CA HIS B 287 17.38 -4.73 16.33
C HIS B 287 17.90 -4.90 17.77
N GLN B 288 17.43 -4.04 18.67
CA GLN B 288 17.76 -4.15 20.11
C GLN B 288 17.29 -5.49 20.70
N LEU B 289 16.05 -5.90 20.41
CA LEU B 289 15.53 -7.17 20.95
C LEU B 289 16.27 -8.41 20.41
N MET B 290 16.84 -8.31 19.21
CA MET B 290 17.60 -9.42 18.60
C MET B 290 18.88 -9.81 19.36
N SER B 291 19.39 -8.90 20.17
CA SER B 291 20.50 -9.16 21.08
C SER B 291 20.14 -10.01 22.30
N LEU B 292 18.84 -10.27 22.51
CA LEU B 292 18.38 -11.13 23.59
C LEU B 292 18.11 -12.54 23.11
N ALA B 293 18.15 -13.48 24.05
CA ALA B 293 17.72 -14.85 23.81
C ALA B 293 18.42 -15.57 22.66
N ALA B 294 19.69 -15.22 22.42
CA ALA B 294 20.46 -15.75 21.29
C ALA B 294 19.73 -15.56 19.95
N GLY B 295 19.06 -14.40 19.83
CA GLY B 295 18.31 -14.04 18.62
C GLY B 295 16.94 -14.67 18.41
N ARG B 296 16.42 -15.40 19.40
CA ARG B 296 15.18 -16.14 19.22
C ARG B 296 13.99 -15.21 19.47
N VAL B 297 13.61 -14.50 18.41
CA VAL B 297 12.58 -13.46 18.44
C VAL B 297 11.46 -13.84 17.46
N LEU B 298 10.21 -13.85 17.94
CA LEU B 298 9.04 -13.99 17.10
C LEU B 298 8.22 -12.70 17.17
N ILE B 299 8.01 -12.07 16.01
CA ILE B 299 7.22 -10.83 15.90
C ILE B 299 5.80 -11.19 15.46
N ILE B 300 4.82 -10.89 16.31
CA ILE B 300 3.42 -11.24 16.08
C ILE B 300 2.60 -9.94 15.87
N LEU B 301 1.93 -9.85 14.74
CA LEU B 301 1.08 -8.68 14.45
C LEU B 301 -0.06 -8.58 15.46
N GLU B 302 -0.24 -7.39 16.02
CA GLU B 302 -1.37 -7.05 16.88
C GLU B 302 -2.22 -6.02 16.12
N GLY B 303 -2.30 -4.78 16.60
CA GLY B 303 -3.06 -3.74 15.95
C GLY B 303 -2.26 -2.94 14.94
N GLY B 304 -2.74 -1.74 14.61
CA GLY B 304 -2.16 -0.93 13.55
C GLY B 304 -3.11 -0.87 12.38
N TYR B 305 -3.56 0.33 12.04
CA TYR B 305 -4.68 0.51 11.13
C TYR B 305 -4.44 1.36 9.89
N ASN B 306 -3.29 2.05 9.78
CA ASN B 306 -2.94 2.74 8.53
C ASN B 306 -2.22 1.70 7.68
N LEU B 307 -2.89 1.23 6.63
CA LEU B 307 -2.40 0.11 5.82
C LEU B 307 -1.00 0.36 5.26
N THR B 308 -0.71 1.59 4.85
CA THR B 308 0.63 1.93 4.37
C THR B 308 1.66 1.93 5.51
N SER B 309 1.30 2.51 6.66
CA SER B 309 2.21 2.58 7.82
CA SER B 309 2.22 2.58 7.80
C SER B 309 2.57 1.21 8.37
N ILE B 310 1.57 0.35 8.55
CA ILE B 310 1.82 -0.99 9.11
C ILE B 310 2.66 -1.84 8.15
N SER B 311 2.42 -1.67 6.86
CA SER B 311 3.14 -2.41 5.84
C SER B 311 4.61 -2.01 5.81
N GLU B 312 4.86 -0.70 5.83
CA GLU B 312 6.24 -0.23 5.89
C GLU B 312 6.92 -0.59 7.22
N SER B 313 6.19 -0.45 8.32
CA SER B 313 6.76 -0.69 9.64
C SER B 313 7.09 -2.17 9.88
N MET B 314 6.15 -3.07 9.59
CA MET B 314 6.42 -4.49 9.80
C MET B 314 7.50 -5.01 8.85
N SER B 315 7.51 -4.53 7.60
CA SER B 315 8.53 -4.95 6.63
CA SER B 315 8.53 -4.98 6.65
C SER B 315 9.93 -4.55 7.10
N MET B 316 10.05 -3.35 7.68
CA MET B 316 11.33 -2.92 8.30
C MET B 316 11.79 -3.88 9.41
N CYS B 317 10.85 -4.34 10.23
CA CYS B 317 11.17 -5.28 11.30
C CYS B 317 11.71 -6.59 10.73
N THR B 318 11.07 -7.11 9.70
CA THR B 318 11.50 -8.33 9.04
C THR B 318 12.90 -8.16 8.43
N SER B 319 13.13 -7.01 7.80
CA SER B 319 14.46 -6.66 7.29
C SER B 319 15.53 -6.77 8.38
N MET B 320 15.22 -6.28 9.58
CA MET B 320 16.14 -6.40 10.71
C MET B 320 16.38 -7.84 11.12
N LEU B 321 15.31 -8.63 11.22
CA LEU B 321 15.44 -10.06 11.53
C LEU B 321 16.32 -10.82 10.53
N LEU B 322 16.21 -10.44 9.26
CA LEU B 322 16.98 -11.03 8.18
C LEU B 322 18.45 -10.66 8.22
N GLY B 323 18.80 -9.66 9.04
CA GLY B 323 20.20 -9.31 9.29
C GLY B 323 20.65 -8.02 8.64
N ASP B 324 19.73 -7.27 8.02
CA ASP B 324 20.09 -6.03 7.32
C ASP B 324 20.47 -4.95 8.31
N SER B 325 21.30 -4.00 7.84
CA SER B 325 21.84 -2.94 8.69
C SER B 325 20.73 -1.99 9.12
N PRO B 326 20.71 -1.58 10.40
CA PRO B 326 19.67 -0.63 10.85
C PRO B 326 19.67 0.68 10.06
N PRO B 327 18.49 1.16 9.63
CA PRO B 327 18.47 2.46 8.96
C PRO B 327 18.74 3.59 9.95
N SER B 328 19.20 4.71 9.45
CA SER B 328 19.48 5.89 10.27
C SER B 328 18.18 6.44 10.82
N LEU B 329 18.18 6.81 12.10
CA LEU B 329 17.03 7.49 12.69
C LEU B 329 17.01 8.95 12.27
N ASP B 330 15.83 9.56 12.37
CA ASP B 330 15.65 10.99 12.13
C ASP B 330 16.27 11.75 13.28
N HIS B 331 16.29 13.08 13.19
CA HIS B 331 16.81 13.89 14.28
C HIS B 331 15.85 13.86 15.47
N LEU B 332 16.36 13.39 16.61
CA LEU B 332 15.55 13.08 17.78
C LEU B 332 15.26 14.35 18.57
N THR B 333 14.06 14.89 18.41
CA THR B 333 13.61 16.05 19.19
C THR B 333 13.80 15.79 20.69
N PRO B 334 14.07 16.86 21.47
CA PRO B 334 14.22 16.61 22.91
C PRO B 334 13.09 15.77 23.49
N LEU B 335 13.44 14.79 24.32
CA LEU B 335 12.47 13.96 25.01
C LEU B 335 11.35 14.80 25.58
N LYS B 336 10.12 14.42 25.28
CA LYS B 336 8.97 15.12 25.84
C LYS B 336 9.03 14.95 27.35
N THR B 337 8.61 15.98 28.08
CA THR B 337 8.95 16.07 29.51
C THR B 337 8.21 14.98 30.30
N SER B 338 6.95 14.75 29.95
CA SER B 338 6.15 13.68 30.54
C SER B 338 6.68 12.27 30.29
N ALA B 339 7.51 12.09 29.25
CA ALA B 339 8.13 10.80 28.96
C ALA B 339 9.22 10.46 29.97
N THR B 340 10.03 11.44 30.34
CA THR B 340 11.00 11.29 31.41
C THR B 340 10.29 10.97 32.72
N VAL B 341 9.17 11.65 32.96
CA VAL B 341 8.34 11.45 34.14
C VAL B 341 7.85 10.00 34.21
N SER B 342 7.28 9.51 33.10
CA SER B 342 6.86 8.11 32.99
C SER B 342 8.01 7.13 33.23
N ILE B 343 9.16 7.37 32.60
CA ILE B 343 10.32 6.48 32.73
C ILE B 343 10.86 6.44 34.16
N ASN B 344 10.96 7.60 34.81
CA ASN B 344 11.36 7.68 36.24
C ASN B 344 10.37 6.93 37.15
N ASN B 345 9.08 7.08 36.91
CA ASN B 345 8.06 6.37 37.69
C ASN B 345 8.24 4.87 37.60
N VAL B 346 8.47 4.36 36.39
CA VAL B 346 8.67 2.92 36.20
C VAL B 346 9.97 2.47 36.86
N LEU B 347 11.03 3.26 36.73
CA LEU B 347 12.30 2.99 37.40
C LEU B 347 12.13 2.84 38.91
N ARG B 348 11.35 3.72 39.52
CA ARG B 348 11.10 3.71 40.97
C ARG B 348 10.30 2.46 41.37
N ALA B 349 9.27 2.14 40.60
CA ALA B 349 8.43 0.98 40.85
C ALA B 349 9.16 -0.36 40.70
N HIS B 350 10.16 -0.41 39.82
CA HIS B 350 10.86 -1.65 39.50
C HIS B 350 12.28 -1.81 40.03
N ALA B 351 12.86 -0.72 40.56
CA ALA B 351 14.15 -0.77 41.26
C ALA B 351 14.22 -1.86 42.35
N PRO B 352 13.13 -2.04 43.13
CA PRO B 352 13.10 -3.15 44.12
C PRO B 352 13.35 -4.55 43.57
N PHE B 353 12.93 -4.81 42.34
CA PHE B 353 12.97 -6.15 41.77
C PHE B 353 14.13 -6.42 40.80
N TRP B 354 14.71 -5.37 40.24
CA TRP B 354 15.72 -5.51 39.18
C TRP B 354 16.93 -4.67 39.55
N SER B 355 18.05 -5.35 39.86
CA SER B 355 19.27 -4.68 40.33
C SER B 355 19.90 -3.79 39.24
N SER B 356 19.72 -4.14 37.97
CA SER B 356 20.17 -3.32 36.85
C SER B 356 19.62 -1.88 36.84
N LEU B 357 18.46 -1.65 37.48
CA LEU B 357 17.84 -0.32 37.57
C LEU B 357 18.32 0.55 38.73
N ARG B 358 19.08 -0.01 39.67
CA ARG B 358 19.53 0.74 40.86
C ARG B 358 20.89 1.40 40.66
K K C . 4.86 7.60 -22.98
K K D . -0.92 14.39 -33.75
ZN ZN E . 3.62 1.43 -19.59
N1 EPE F . 3.14 -3.53 -21.18
C2 EPE F . 2.83 -4.55 -22.20
C3 EPE F . 3.67 -5.80 -22.13
N4 EPE F . 5.10 -5.64 -21.86
C5 EPE F . 5.40 -4.51 -20.96
C6 EPE F . 4.59 -3.27 -21.19
C7 EPE F . 5.54 -6.94 -21.25
C8 EPE F . 6.98 -7.26 -21.65
O8 EPE F . 7.06 -7.42 -23.09
C9 EPE F . 2.24 -2.40 -21.48
C10 EPE F . 2.75 -1.02 -21.09
S EPE F . 1.64 -0.10 -20.28
O1S EPE F . 0.21 -0.67 -20.24
O2S EPE F . 1.60 1.25 -20.83
O3S EPE F . 2.20 -0.12 -18.91
K K G . 1.41 -2.20 24.53
K K H . 4.21 -11.70 34.44
ZN ZN I . -3.72 -1.39 19.51
N1 EPE J . -8.42 -0.52 19.98
C2 EPE J . -8.77 0.83 19.53
C3 EPE J . -9.91 1.39 20.35
N4 EPE J . -11.09 0.52 20.13
C5 EPE J . -10.80 -0.84 20.59
C6 EPE J . -9.60 -1.41 19.88
C7 EPE J . -12.28 1.10 20.79
C8 EPE J . -12.99 1.93 19.73
O8 EPE J . -13.28 1.11 18.58
C9 EPE J . -7.31 -1.11 19.17
C10 EPE J . -6.57 -2.13 20.04
S EPE J . -5.38 -3.00 19.25
O1S EPE J . -4.85 -2.21 18.11
O2S EPE J . -6.04 -4.22 18.62
O3S EPE J . -4.36 -3.51 20.15
#